data_7L4S
#
_entry.id   7L4S
#
_cell.length_a   83.998
_cell.length_b   83.998
_cell.length_c   185.141
_cell.angle_alpha   90.000
_cell.angle_beta   90.000
_cell.angle_gamma   120.000
#
_symmetry.space_group_name_H-M   'P 32'
#
loop_
_entity.id
_entity.type
_entity.pdbx_description
1 polymer 'Transcriptional regulator of oxidative stress OxyR'
2 water water
#
_entity_poly.entity_id   1
_entity_poly.type   'polypeptide(L)'
_entity_poly.pdbx_seq_one_letter_code
;MKNLPSLKNLYYLVNLHQEQNFNRAAKVCFVSQSTLSSGIQNLEEQLGHQLIERDHKSFMFTAIGEEVVQRSRKILTDVD
DLVELVKNQGEPMTGDIRLGCIPTIAPFLLSRVVKQCQQAYPEMSLLLKEDTTERLLDALGKGELDLLILALPVDTSGYH
SMKVGIDPFKMVIHKDLVGGIHQPIDYQTLPDESIFLLQSEHSITGHAITACQLGDSAKVNPFAATSLHTLVQMVNSKLG
TTFLPQMAIDAGILNDTDLVVMTPPGEAPYRDIGLVWRQTTSRILTFRTLGLLIQKLLTNETAQ
;
_entity_poly.pdbx_strand_id   A,B,C,D,E,F
#
# COMPACT_ATOMS: atom_id res chain seq x y z
N GLU A 91 35.12 -6.20 -13.23
CA GLU A 91 33.68 -6.07 -12.94
C GLU A 91 33.33 -5.57 -11.51
N PRO A 92 33.92 -6.09 -10.43
CA PRO A 92 33.64 -5.50 -9.12
C PRO A 92 34.07 -4.05 -9.05
N MET A 93 33.27 -3.25 -8.34
CA MET A 93 33.49 -1.80 -8.15
C MET A 93 33.55 -1.07 -9.49
N THR A 94 32.80 -1.56 -10.47
CA THR A 94 32.73 -1.00 -11.81
C THR A 94 31.33 -1.24 -12.34
N GLY A 95 30.77 -0.25 -13.03
CA GLY A 95 29.49 -0.39 -13.68
C GLY A 95 28.39 0.38 -12.96
N ASP A 96 27.18 0.19 -13.45
CA ASP A 96 26.01 0.89 -12.93
C ASP A 96 25.43 0.14 -11.74
N ILE A 97 25.28 0.84 -10.61
CA ILE A 97 24.61 0.30 -9.44
C ILE A 97 23.55 1.29 -8.99
N ARG A 98 22.29 0.83 -8.95
CA ARG A 98 21.17 1.65 -8.56
C ARG A 98 21.00 1.56 -7.05
N LEU A 99 21.28 2.66 -6.36
CA LEU A 99 21.38 2.69 -4.91
C LEU A 99 20.22 3.50 -4.33
N GLY A 100 19.60 2.96 -3.28
CA GLY A 100 18.51 3.64 -2.59
C GLY A 100 18.96 4.04 -1.20
N CYS A 101 18.50 5.20 -0.75
CA CYS A 101 18.86 5.67 0.58
C CYS A 101 17.71 6.49 1.15
N ILE A 102 17.37 6.25 2.41
CA ILE A 102 16.21 6.86 3.07
C ILE A 102 16.51 8.33 3.39
N PRO A 103 15.49 9.22 3.44
CA PRO A 103 15.77 10.64 3.65
C PRO A 103 16.19 11.00 5.06
N THR A 104 16.24 10.07 6.01
CA THR A 104 16.85 10.35 7.29
C THR A 104 18.33 9.97 7.34
N ILE A 105 18.85 9.30 6.31
CA ILE A 105 20.25 8.93 6.22
C ILE A 105 20.96 9.71 5.11
N ALA A 106 20.36 9.72 3.91
CA ALA A 106 20.96 10.36 2.72
C ALA A 106 21.45 11.79 2.93
N PRO A 107 20.71 12.71 3.58
CA PRO A 107 21.22 14.07 3.67
C PRO A 107 22.52 14.22 4.42
N PHE A 108 23.01 13.21 5.16
CA PHE A 108 24.21 13.63 5.86
C PHE A 108 25.22 12.49 5.79
N LEU A 109 24.99 11.54 4.89
CA LEU A 109 25.93 10.46 4.66
C LEU A 109 26.24 10.32 3.16
N LEU A 110 25.24 10.61 2.30
CA LEU A 110 25.32 10.17 0.91
C LEU A 110 26.42 10.88 0.13
N SER A 111 26.67 12.15 0.42
CA SER A 111 27.69 12.88 -0.32
C SER A 111 29.08 12.33 -0.06
N ARG A 112 29.35 11.95 1.18
CA ARG A 112 30.62 11.31 1.49
C ARG A 112 30.69 9.91 0.90
N VAL A 113 29.56 9.19 0.83
CA VAL A 113 29.57 7.89 0.18
C VAL A 113 29.89 8.02 -1.31
N VAL A 114 29.31 9.04 -1.97
CA VAL A 114 29.44 9.15 -3.41
C VAL A 114 30.80 9.75 -3.81
N LYS A 115 31.30 10.71 -3.04
CA LYS A 115 32.57 11.35 -3.42
C LYS A 115 33.75 10.39 -3.29
N GLN A 116 33.75 9.56 -2.24
CA GLN A 116 34.81 8.57 -2.07
C GLN A 116 34.78 7.51 -3.16
N CYS A 117 33.58 7.09 -3.57
CA CYS A 117 33.46 6.12 -4.65
C CYS A 117 33.82 6.76 -5.99
N GLN A 118 33.63 8.07 -6.13
CA GLN A 118 34.08 8.76 -7.33
C GLN A 118 35.59 8.83 -7.38
N GLN A 119 36.23 9.04 -6.24
CA GLN A 119 37.69 9.14 -6.20
C GLN A 119 38.35 7.77 -6.38
N ALA A 120 37.84 6.74 -5.71
CA ALA A 120 38.49 5.44 -5.68
C ALA A 120 38.00 4.47 -6.75
N TYR A 121 36.75 4.59 -7.19
CA TYR A 121 36.17 3.71 -8.21
C TYR A 121 35.47 4.54 -9.28
N PRO A 122 36.23 5.26 -10.13
CA PRO A 122 35.59 6.15 -11.11
C PRO A 122 34.83 5.44 -12.21
N GLU A 123 35.00 4.14 -12.39
CA GLU A 123 34.30 3.39 -13.41
C GLU A 123 33.00 2.78 -12.90
N MET A 124 32.66 3.02 -11.63
CA MET A 124 31.38 2.63 -11.06
C MET A 124 30.46 3.85 -10.99
N SER A 125 29.27 3.73 -11.56
CA SER A 125 28.31 4.83 -11.61
C SER A 125 27.14 4.52 -10.67
N LEU A 126 27.04 5.30 -9.59
CA LEU A 126 25.95 5.13 -8.63
C LEU A 126 24.74 5.92 -9.11
N LEU A 127 23.66 5.21 -9.40
CA LEU A 127 22.40 5.82 -9.83
C LEU A 127 21.51 5.88 -8.59
N LEU A 128 21.49 7.04 -7.94
CA LEU A 128 20.90 7.14 -6.61
C LEU A 128 19.38 7.28 -6.69
N LYS A 129 18.74 7.17 -5.52
CA LYS A 129 17.34 7.51 -5.35
C LYS A 129 17.08 7.71 -3.86
N GLU A 130 16.38 8.80 -3.53
CA GLU A 130 15.98 9.11 -2.17
C GLU A 130 14.48 8.83 -2.03
N ASP A 131 14.13 7.90 -1.12
CA ASP A 131 12.74 7.56 -0.87
C ASP A 131 12.65 6.88 0.48
N THR A 132 11.40 6.72 0.98
CA THR A 132 11.17 6.11 2.28
C THR A 132 11.25 4.58 2.15
N THR A 133 11.16 3.92 3.31
CA THR A 133 11.66 2.56 3.45
C THR A 133 10.84 1.55 2.66
N GLU A 134 9.51 1.60 2.80
CA GLU A 134 8.64 0.63 2.14
C GLU A 134 8.73 0.74 0.63
N ARG A 135 8.74 1.96 0.10
CA ARG A 135 8.90 2.15 -1.34
C ARG A 135 10.28 1.75 -1.81
N LEU A 136 11.30 1.87 -0.96
CA LEU A 136 12.65 1.46 -1.34
C LEU A 136 12.77 -0.05 -1.42
N LEU A 137 12.22 -0.76 -0.43
CA LEU A 137 12.24 -2.22 -0.46
C LEU A 137 11.40 -2.75 -1.61
N ASP A 138 10.28 -2.08 -1.90
CA ASP A 138 9.53 -2.45 -3.09
C ASP A 138 10.35 -2.23 -4.36
N ALA A 139 11.07 -1.10 -4.44
CA ALA A 139 11.89 -0.80 -5.62
C ALA A 139 12.99 -1.84 -5.80
N LEU A 140 13.61 -2.28 -4.70
CA LEU A 140 14.53 -3.41 -4.78
C LEU A 140 13.82 -4.68 -5.24
N GLY A 141 12.55 -4.85 -4.88
CA GLY A 141 11.82 -6.02 -5.32
C GLY A 141 11.56 -6.03 -6.83
N LYS A 142 11.18 -4.88 -7.39
CA LYS A 142 10.85 -4.82 -8.81
C LYS A 142 12.08 -4.92 -9.70
N GLY A 143 13.28 -4.71 -9.15
CA GLY A 143 14.46 -4.50 -9.96
C GLY A 143 14.79 -3.05 -10.22
N GLU A 144 14.06 -2.10 -9.61
CA GLU A 144 14.37 -0.69 -9.81
C GLU A 144 15.72 -0.34 -9.21
N LEU A 145 16.03 -0.88 -8.03
CA LEU A 145 17.31 -0.64 -7.39
C LEU A 145 17.99 -1.96 -7.08
N ASP A 146 19.29 -1.89 -6.80
CA ASP A 146 20.08 -3.05 -6.43
C ASP A 146 20.54 -3.04 -4.99
N LEU A 147 20.78 -1.86 -4.43
CA LEU A 147 21.28 -1.75 -3.07
C LEU A 147 20.49 -0.66 -2.34
N LEU A 148 20.19 -0.88 -1.07
CA LEU A 148 19.51 0.11 -0.24
C LEU A 148 20.31 0.38 1.02
N ILE A 149 20.49 1.66 1.34
CA ILE A 149 21.02 2.08 2.64
C ILE A 149 19.83 2.39 3.54
N LEU A 150 19.61 1.56 4.56
CA LEU A 150 18.43 1.66 5.38
C LEU A 150 18.81 1.74 6.85
N ALA A 151 17.84 2.12 7.67
CA ALA A 151 17.92 1.97 9.11
C ALA A 151 17.34 0.60 9.46
N LEU A 152 18.18 -0.24 10.07
CA LEU A 152 18.00 -1.69 9.94
C LEU A 152 16.70 -2.28 10.47
N PRO A 153 16.19 -1.93 11.70
CA PRO A 153 15.05 -2.70 12.22
C PRO A 153 13.75 -2.48 11.45
N VAL A 154 13.68 -3.02 10.23
CA VAL A 154 12.50 -3.00 9.38
C VAL A 154 12.27 -4.40 8.84
N ASP A 155 11.26 -4.55 8.00
CA ASP A 155 10.91 -5.86 7.43
C ASP A 155 11.61 -6.01 6.08
N THR A 156 12.67 -6.80 6.06
CA THR A 156 13.43 -7.08 4.86
C THR A 156 13.30 -8.54 4.46
N SER A 157 12.09 -9.08 4.53
CA SER A 157 11.83 -10.47 4.13
C SER A 157 12.09 -10.66 2.65
N GLY A 158 12.71 -11.80 2.32
CA GLY A 158 13.08 -12.09 0.95
C GLY A 158 14.34 -11.42 0.47
N TYR A 159 15.09 -10.76 1.35
CA TYR A 159 16.27 -10.01 0.98
C TYR A 159 17.43 -10.39 1.89
N HIS A 160 18.61 -9.91 1.53
CA HIS A 160 19.79 -10.06 2.38
C HIS A 160 20.14 -8.72 2.99
N SER A 161 20.42 -8.71 4.29
CA SER A 161 20.62 -7.49 5.04
C SER A 161 21.87 -7.61 5.87
N MET A 162 22.71 -6.57 5.84
CA MET A 162 23.97 -6.55 6.57
C MET A 162 24.03 -5.29 7.40
N LYS A 163 24.21 -5.44 8.71
CA LYS A 163 24.35 -4.28 9.58
C LYS A 163 25.71 -3.64 9.38
N VAL A 164 25.73 -2.33 9.19
CA VAL A 164 26.97 -1.59 8.98
C VAL A 164 27.23 -0.55 10.06
N GLY A 165 26.33 -0.38 11.01
CA GLY A 165 26.66 0.52 12.11
C GLY A 165 25.49 0.78 13.01
N ILE A 166 25.74 1.64 14.01
CA ILE A 166 24.73 2.17 14.90
C ILE A 166 24.91 3.68 14.97
N ASP A 167 23.82 4.37 15.33
CA ASP A 167 23.90 5.79 15.71
C ASP A 167 22.84 6.11 16.75
N PRO A 168 23.21 6.74 17.86
CA PRO A 168 22.24 6.99 18.93
C PRO A 168 21.20 8.03 18.56
N PHE A 169 20.13 8.03 19.34
CA PHE A 169 19.11 9.07 19.29
C PHE A 169 19.42 10.13 20.35
N LYS A 170 19.05 11.37 20.04
CA LYS A 170 19.09 12.44 21.03
C LYS A 170 17.79 13.22 20.95
N MET A 171 17.48 13.96 22.01
CA MET A 171 16.35 14.89 22.00
C MET A 171 16.89 16.29 22.14
N VAL A 172 16.31 17.21 21.37
CA VAL A 172 16.80 18.59 21.32
C VAL A 172 15.71 19.53 21.79
N ILE A 173 16.09 20.50 22.61
CA ILE A 173 15.22 21.58 23.07
C ILE A 173 16.01 22.88 22.97
N HIS A 174 15.28 24.00 22.86
CA HIS A 174 15.90 25.31 22.94
C HIS A 174 16.58 25.48 24.29
N LYS A 175 17.73 26.15 24.28
CA LYS A 175 18.66 26.18 25.42
C LYS A 175 18.07 26.78 26.69
N VAL A 178 13.95 28.62 26.28
CA VAL A 178 15.00 28.34 27.23
C VAL A 178 14.37 27.39 28.27
N GLY A 179 14.26 26.12 27.90
CA GLY A 179 13.44 25.21 28.68
C GLY A 179 14.07 23.91 29.11
N GLY A 180 15.37 23.90 29.39
CA GLY A 180 15.97 22.72 30.00
C GLY A 180 15.52 22.52 31.42
N ILE A 181 14.78 21.44 31.70
CA ILE A 181 14.13 21.23 33.00
C ILE A 181 14.87 20.17 33.83
N HIS A 182 14.88 18.92 33.38
CA HIS A 182 15.44 17.81 34.14
C HIS A 182 16.11 16.84 33.17
N GLN A 183 17.29 16.36 33.55
CA GLN A 183 18.06 15.53 32.63
C GLN A 183 17.53 14.10 32.57
N PRO A 184 17.26 13.38 33.70
CA PRO A 184 16.55 12.11 33.55
C PRO A 184 15.12 12.37 33.09
N ILE A 185 14.84 12.06 31.83
CA ILE A 185 13.67 12.58 31.14
C ILE A 185 12.43 11.81 31.61
N ASP A 186 11.44 12.55 32.10
CA ASP A 186 10.08 12.06 32.28
C ASP A 186 9.24 12.60 31.13
N TYR A 187 8.59 11.70 30.41
CA TYR A 187 7.73 12.10 29.30
C TYR A 187 6.41 12.69 29.78
N GLN A 188 6.00 12.41 31.02
CA GLN A 188 4.76 12.95 31.53
C GLN A 188 4.89 14.40 32.00
N THR A 189 6.11 14.89 32.21
CA THR A 189 6.31 16.28 32.57
C THR A 189 6.01 17.21 31.39
N LEU A 190 6.27 16.75 30.17
CA LEU A 190 6.21 17.61 29.01
C LEU A 190 4.77 18.00 28.69
N PRO A 191 4.56 19.20 28.14
CA PRO A 191 3.19 19.63 27.77
C PRO A 191 2.65 18.80 26.62
N ASP A 192 1.37 19.03 26.33
CA ASP A 192 0.53 18.06 25.61
C ASP A 192 1.04 17.69 24.23
N GLU A 193 0.98 18.60 23.25
CA GLU A 193 1.40 18.25 21.89
C GLU A 193 2.77 18.85 21.59
N SER A 194 3.78 18.37 22.30
CA SER A 194 5.09 19.03 22.29
C SER A 194 6.23 18.20 21.74
N ILE A 195 6.00 16.95 21.35
CA ILE A 195 7.05 16.10 20.79
C ILE A 195 6.73 15.92 19.31
N PHE A 196 7.52 16.56 18.46
CA PHE A 196 7.31 16.50 17.03
C PHE A 196 7.86 15.19 16.46
N LEU A 197 7.11 14.59 15.54
CA LEU A 197 7.57 13.39 14.87
C LEU A 197 7.21 13.45 13.40
N LEU A 198 8.04 12.80 12.58
CA LEU A 198 7.78 12.67 11.16
C LEU A 198 6.57 11.78 10.93
N GLN A 199 6.02 11.86 9.72
CA GLN A 199 4.98 10.94 9.28
C GLN A 199 5.46 9.51 9.44
N SER A 200 4.53 8.62 9.78
CA SER A 200 4.86 7.26 10.19
C SER A 200 5.43 6.41 9.05
N GLU A 201 5.36 6.87 7.81
CA GLU A 201 6.04 6.18 6.71
C GLU A 201 7.56 6.26 6.84
N HIS A 202 8.07 7.23 7.59
CA HIS A 202 9.48 7.29 7.91
C HIS A 202 9.76 6.37 9.08
N SER A 203 10.78 5.53 8.95
CA SER A 203 11.07 4.53 9.97
C SER A 203 11.61 5.15 11.26
N ILE A 204 12.08 6.39 11.21
CA ILE A 204 12.70 7.02 12.37
C ILE A 204 11.67 7.28 13.47
N THR A 205 10.39 7.42 13.09
CA THR A 205 9.32 7.60 14.07
C THR A 205 9.18 6.38 14.97
N GLY A 206 9.02 5.20 14.36
CA GLY A 206 8.93 3.98 15.14
C GLY A 206 10.22 3.63 15.85
N HIS A 207 11.37 3.90 15.21
CA HIS A 207 12.64 3.61 15.85
C HIS A 207 12.87 4.47 17.09
N ALA A 208 12.56 5.77 17.00
CA ALA A 208 12.69 6.65 18.15
C ALA A 208 11.66 6.36 19.22
N ILE A 209 10.45 5.92 18.82
CA ILE A 209 9.42 5.61 19.81
C ILE A 209 9.82 4.38 20.62
N THR A 210 10.25 3.32 19.94
CA THR A 210 10.58 2.09 20.66
C THR A 210 11.91 2.19 21.40
N ALA A 211 12.89 2.87 20.80
CA ALA A 211 14.22 2.91 21.41
C ALA A 211 14.26 3.83 22.62
N CYS A 212 13.60 4.98 22.53
CA CYS A 212 13.59 5.96 23.62
C CYS A 212 12.40 5.77 24.56
N GLN A 213 11.62 4.71 24.37
CA GLN A 213 10.55 4.29 25.28
C GLN A 213 9.50 5.40 25.47
N LEU A 214 8.90 5.79 24.36
CA LEU A 214 7.77 6.70 24.38
C LEU A 214 6.49 5.85 24.43
N GLY A 215 5.77 5.95 25.54
CA GLY A 215 4.56 5.16 25.71
C GLY A 215 3.30 5.98 25.59
N ASP A 216 3.40 7.30 25.80
CA ASP A 216 2.24 8.18 25.84
C ASP A 216 2.10 8.89 24.49
N SER A 217 1.17 8.42 23.66
CA SER A 217 0.93 9.05 22.38
C SER A 217 0.30 10.42 22.50
N ALA A 218 -0.29 10.75 23.65
CA ALA A 218 -0.83 12.08 23.87
C ALA A 218 0.26 13.15 23.93
N LYS A 219 1.51 12.75 24.10
CA LYS A 219 2.62 13.69 24.14
C LYS A 219 3.12 14.08 22.76
N VAL A 220 2.55 13.50 21.70
CA VAL A 220 3.05 13.64 20.34
C VAL A 220 2.25 14.73 19.62
N ASN A 221 2.97 15.72 19.09
CA ASN A 221 2.34 16.79 18.34
C ASN A 221 1.71 16.23 17.07
N PRO A 222 0.58 16.82 16.61
CA PRO A 222 -0.06 16.30 15.39
C PRO A 222 0.58 16.76 14.09
N PHE A 223 1.80 17.29 14.14
CA PHE A 223 2.55 17.56 12.91
C PHE A 223 2.76 16.25 12.14
N ALA A 224 2.37 16.25 10.86
CA ALA A 224 2.68 15.16 9.94
C ALA A 224 3.87 15.63 9.08
N ALA A 225 5.05 15.53 9.66
CA ALA A 225 6.28 16.02 9.06
C ALA A 225 6.89 14.99 8.12
N THR A 226 7.74 15.49 7.22
CA THR A 226 8.60 14.63 6.39
C THR A 226 10.07 15.00 6.44
N SER A 227 10.43 16.20 6.92
CA SER A 227 11.83 16.62 7.00
C SER A 227 12.20 16.93 8.44
N LEU A 228 13.34 16.40 8.88
CA LEU A 228 13.84 16.69 10.22
C LEU A 228 14.40 18.10 10.33
N HIS A 229 14.75 18.73 9.21
CA HIS A 229 15.16 20.13 9.22
C HIS A 229 13.99 21.04 9.60
N THR A 230 12.80 20.72 9.12
CA THR A 230 11.61 21.43 9.54
C THR A 230 11.41 21.32 11.05
N LEU A 231 11.55 20.11 11.60
CA LEU A 231 11.38 19.92 13.04
C LEU A 231 12.47 20.63 13.83
N VAL A 232 13.69 20.70 13.30
CA VAL A 232 14.75 21.44 13.97
C VAL A 232 14.37 22.92 14.03
N GLN A 233 13.80 23.45 12.95
CA GLN A 233 13.32 24.84 13.00
C GLN A 233 12.16 24.99 13.98
N MET A 234 11.27 24.00 14.07
CA MET A 234 10.15 24.08 15.01
C MET A 234 10.62 24.10 16.45
N VAL A 235 11.59 23.24 16.78
CA VAL A 235 12.16 23.24 18.13
C VAL A 235 12.93 24.53 18.38
N ASN A 236 13.59 25.08 17.36
CA ASN A 236 14.30 26.34 17.53
C ASN A 236 13.35 27.52 17.70
N SER A 237 12.10 27.40 17.27
CA SER A 237 11.10 28.43 17.51
C SER A 237 10.42 28.28 18.86
N LYS A 238 10.98 27.47 19.77
CA LYS A 238 10.41 27.15 21.10
C LYS A 238 9.03 26.52 21.01
N LEU A 239 8.77 25.74 19.97
CA LEU A 239 7.45 25.15 19.78
C LEU A 239 7.36 23.72 20.31
N GLY A 240 8.43 23.17 20.86
CA GLY A 240 8.41 21.80 21.33
C GLY A 240 9.79 21.18 21.25
N THR A 241 9.81 19.85 21.29
CA THR A 241 11.04 19.06 21.23
C THR A 241 10.92 18.02 20.12
N THR A 242 12.06 17.41 19.79
CA THR A 242 12.07 16.31 18.85
C THR A 242 13.28 15.42 19.10
N PHE A 243 13.21 14.22 18.51
CA PHE A 243 14.32 13.29 18.44
C PHE A 243 15.09 13.53 17.15
N LEU A 244 16.42 13.59 17.27
CA LEU A 244 17.36 13.72 16.19
C LEU A 244 18.31 12.53 16.17
N PRO A 245 18.60 11.98 14.99
CA PRO A 245 19.67 10.98 14.89
C PRO A 245 21.02 11.63 15.11
N GLN A 246 21.97 10.84 15.60
CA GLN A 246 23.31 11.36 15.90
C GLN A 246 24.03 11.83 14.63
N MET A 247 23.84 11.12 13.52
CA MET A 247 24.51 11.49 12.27
C MET A 247 24.03 12.83 11.72
N ALA A 248 22.86 13.30 12.13
CA ALA A 248 22.40 14.65 11.79
C ALA A 248 23.13 15.70 12.62
N ILE A 249 23.33 15.42 13.91
CA ILE A 249 24.03 16.35 14.79
C ILE A 249 25.48 16.54 14.36
N ASP A 250 26.16 15.42 14.04
CA ASP A 250 27.56 15.44 13.65
C ASP A 250 27.80 16.17 12.34
N ALA A 251 26.77 16.37 11.53
CA ALA A 251 26.88 17.13 10.30
C ALA A 251 26.35 18.55 10.45
N GLY A 252 26.18 19.02 11.68
CA GLY A 252 25.83 20.41 11.92
C GLY A 252 24.40 20.80 11.60
N ILE A 253 23.44 19.90 11.84
CA ILE A 253 22.04 20.30 11.71
C ILE A 253 21.65 21.24 12.85
N LEU A 254 22.39 21.25 13.96
CA LEU A 254 22.16 22.17 15.05
C LEU A 254 22.95 23.46 14.91
N ASN A 255 23.66 23.64 13.79
CA ASN A 255 24.36 24.90 13.56
C ASN A 255 23.36 26.01 13.28
N ASP A 256 23.71 27.22 13.72
CA ASP A 256 22.86 28.41 13.65
C ASP A 256 21.54 28.22 14.38
N THR A 257 21.55 27.38 15.42
CA THR A 257 20.39 27.15 16.26
C THR A 257 20.80 27.32 17.71
N ASP A 258 19.82 27.64 18.57
CA ASP A 258 20.03 27.68 20.00
C ASP A 258 19.66 26.37 20.67
N LEU A 259 19.72 25.26 19.95
CA LEU A 259 19.31 23.98 20.48
C LEU A 259 20.43 23.33 21.27
N VAL A 260 20.04 22.57 22.29
CA VAL A 260 20.96 21.81 23.10
C VAL A 260 20.58 20.35 23.02
N VAL A 261 21.53 19.50 23.37
CA VAL A 261 21.40 18.06 23.21
C VAL A 261 21.18 17.46 24.59
N MET A 262 20.21 16.55 24.69
CA MET A 262 19.98 15.80 25.89
C MET A 262 20.06 14.31 25.59
N THR A 263 20.22 13.54 26.63
CA THR A 263 20.21 12.09 26.51
C THR A 263 18.78 11.57 26.73
N PRO A 264 18.23 10.77 25.83
CA PRO A 264 16.83 10.35 25.98
C PRO A 264 16.71 9.27 27.04
N PRO A 265 15.50 8.79 27.34
CA PRO A 265 15.38 7.59 28.17
C PRO A 265 16.17 6.44 27.57
N GLY A 266 16.96 5.78 28.42
CA GLY A 266 18.00 4.89 27.96
C GLY A 266 17.48 3.54 27.52
N GLU A 267 18.18 2.47 27.93
CA GLU A 267 17.88 1.10 27.51
C GLU A 267 17.95 0.99 25.99
N ALA A 268 19.19 1.12 25.49
CA ALA A 268 19.61 1.07 24.10
C ALA A 268 18.92 2.12 23.23
N PRO A 269 19.16 3.41 23.47
CA PRO A 269 18.49 4.43 22.64
C PRO A 269 19.28 4.75 21.37
N TYR A 270 19.37 3.78 20.48
CA TYR A 270 20.09 3.97 19.23
C TYR A 270 19.31 3.36 18.08
N ARG A 271 19.86 3.50 16.88
CA ARG A 271 19.26 3.01 15.66
C ARG A 271 20.34 2.31 14.85
N ASP A 272 20.03 1.12 14.33
CA ASP A 272 20.97 0.37 13.53
C ASP A 272 20.91 0.82 12.07
N ILE A 273 22.08 1.05 11.47
CA ILE A 273 22.23 1.37 10.05
C ILE A 273 22.70 0.12 9.33
N GLY A 274 22.08 -0.21 8.20
CA GLY A 274 22.39 -1.43 7.49
C GLY A 274 22.23 -1.30 5.99
N LEU A 275 22.75 -2.31 5.29
CA LEU A 275 22.72 -2.41 3.84
C LEU A 275 21.85 -3.59 3.43
N VAL A 276 21.02 -3.38 2.42
CA VAL A 276 20.04 -4.38 1.98
C VAL A 276 20.23 -4.63 0.49
N TRP A 277 20.26 -5.91 0.10
CA TRP A 277 20.34 -6.28 -1.31
C TRP A 277 19.67 -7.64 -1.49
N ARG A 278 19.36 -7.96 -2.74
CA ARG A 278 18.65 -9.20 -3.06
C ARG A 278 19.53 -10.41 -2.80
N GLN A 279 18.87 -11.53 -2.49
CA GLN A 279 19.61 -12.76 -2.20
C GLN A 279 20.22 -13.38 -3.45
N THR A 280 19.78 -12.97 -4.64
CA THR A 280 20.29 -13.49 -5.91
C THR A 280 21.26 -12.51 -6.58
N THR A 281 22.07 -11.80 -5.80
CA THR A 281 22.99 -10.83 -6.35
C THR A 281 24.21 -11.50 -6.95
N SER A 282 24.78 -10.85 -7.96
CA SER A 282 26.05 -11.25 -8.55
C SER A 282 27.16 -10.25 -8.24
N ARG A 283 26.96 -9.37 -7.26
CA ARG A 283 27.90 -8.29 -6.94
C ARG A 283 28.16 -8.22 -5.45
N ILE A 284 28.34 -9.39 -4.82
CA ILE A 284 28.52 -9.46 -3.38
C ILE A 284 29.83 -8.78 -2.96
N LEU A 285 30.87 -8.85 -3.78
CA LEU A 285 32.13 -8.16 -3.47
C LEU A 285 31.93 -6.65 -3.45
N THR A 286 31.17 -6.13 -4.41
CA THR A 286 30.91 -4.69 -4.45
C THR A 286 30.08 -4.23 -3.26
N PHE A 287 29.07 -5.01 -2.89
CA PHE A 287 28.20 -4.60 -1.80
C PHE A 287 28.92 -4.73 -0.46
N ARG A 288 29.79 -5.72 -0.30
CA ARG A 288 30.57 -5.83 0.93
C ARG A 288 31.59 -4.71 1.03
N THR A 289 32.18 -4.31 -0.10
CA THR A 289 33.10 -3.17 -0.11
C THR A 289 32.40 -1.86 0.25
N LEU A 290 31.21 -1.65 -0.33
CA LEU A 290 30.41 -0.48 0.02
C LEU A 290 30.01 -0.50 1.49
N GLY A 291 29.69 -1.67 2.02
CA GLY A 291 29.37 -1.78 3.43
C GLY A 291 30.55 -1.44 4.32
N LEU A 292 31.74 -1.88 3.93
CA LEU A 292 32.93 -1.60 4.73
C LEU A 292 33.23 -0.11 4.72
N LEU A 293 33.07 0.53 3.55
CA LEU A 293 33.25 1.98 3.42
C LEU A 293 32.21 2.75 4.22
N ILE A 294 30.96 2.31 4.22
CA ILE A 294 29.92 2.99 4.97
C ILE A 294 30.16 2.84 6.47
N GLN A 295 30.51 1.64 6.92
CA GLN A 295 30.80 1.40 8.33
C GLN A 295 31.93 2.28 8.82
N LYS A 296 33.00 2.37 8.02
CA LYS A 296 34.10 3.26 8.38
C LYS A 296 33.67 4.72 8.30
N LEU A 297 32.71 5.06 7.44
CA LEU A 297 32.19 6.43 7.40
C LEU A 297 31.33 6.76 8.62
N LEU A 298 30.72 5.75 9.23
CA LEU A 298 29.94 5.94 10.46
C LEU A 298 30.92 5.94 11.64
N THR A 299 31.53 7.09 11.85
CA THR A 299 32.51 7.22 12.93
C THR A 299 31.83 7.28 14.30
N PRO B 92 -25.53 4.51 28.07
CA PRO B 92 -24.38 3.71 27.62
C PRO B 92 -24.61 2.21 27.79
N MET B 93 -23.77 1.44 27.08
CA MET B 93 -23.91 0.00 26.90
C MET B 93 -25.29 -0.37 26.38
N THR B 94 -25.82 0.44 25.47
CA THR B 94 -27.04 0.12 24.72
C THR B 94 -26.78 0.41 23.24
N GLY B 95 -27.52 -0.30 22.38
CA GLY B 95 -27.42 -0.08 20.97
C GLY B 95 -26.28 -0.85 20.33
N ASP B 96 -26.14 -0.63 19.02
CA ASP B 96 -25.10 -1.26 18.22
C ASP B 96 -23.75 -0.64 18.51
N ILE B 97 -22.73 -1.47 18.70
CA ILE B 97 -21.35 -1.00 18.84
C ILE B 97 -20.48 -1.87 17.93
N ARG B 98 -19.71 -1.23 17.05
CA ARG B 98 -18.83 -1.93 16.11
C ARG B 98 -17.42 -1.97 16.68
N LEU B 99 -16.99 -3.15 17.10
CA LEU B 99 -15.76 -3.34 17.83
C LEU B 99 -14.82 -4.27 17.07
N GLY B 100 -13.61 -3.80 16.79
CA GLY B 100 -12.62 -4.56 16.05
C GLY B 100 -11.47 -5.03 16.93
N CYS B 101 -10.99 -6.24 16.67
CA CYS B 101 -9.94 -6.86 17.47
C CYS B 101 -8.91 -7.50 16.55
N ILE B 102 -7.63 -7.38 16.89
CA ILE B 102 -6.56 -7.94 16.07
C ILE B 102 -6.46 -9.44 16.34
N PRO B 103 -6.05 -10.27 15.38
CA PRO B 103 -6.11 -11.73 15.58
C PRO B 103 -5.09 -12.27 16.58
N THR B 104 -4.19 -11.45 17.09
CA THR B 104 -3.30 -11.89 18.15
C THR B 104 -3.88 -11.62 19.54
N ILE B 105 -5.07 -11.02 19.62
CA ILE B 105 -5.78 -10.80 20.87
C ILE B 105 -7.11 -11.53 20.92
N ALA B 106 -7.87 -11.50 19.80
CA ALA B 106 -9.24 -12.00 19.76
C ALA B 106 -9.43 -13.46 20.20
N PRO B 107 -8.64 -14.45 19.73
CA PRO B 107 -8.94 -15.84 20.14
C PRO B 107 -8.64 -16.12 21.60
N PHE B 108 -8.03 -15.19 22.33
CA PHE B 108 -7.73 -15.39 23.74
C PHE B 108 -8.57 -14.52 24.67
N LEU B 109 -9.30 -13.54 24.14
CA LEU B 109 -10.04 -12.62 25.01
C LEU B 109 -11.44 -12.27 24.54
N LEU B 110 -11.73 -12.38 23.23
CA LEU B 110 -12.97 -11.82 22.70
C LEU B 110 -14.20 -12.58 23.17
N SER B 111 -14.08 -13.90 23.31
CA SER B 111 -15.22 -14.71 23.75
C SER B 111 -15.67 -14.30 25.15
N ARG B 112 -14.71 -14.12 26.07
CA ARG B 112 -15.04 -13.72 27.43
C ARG B 112 -15.60 -12.31 27.45
N VAL B 113 -15.04 -11.41 26.64
CA VAL B 113 -15.56 -10.04 26.59
C VAL B 113 -17.02 -10.01 26.13
N VAL B 114 -17.32 -10.73 25.05
CA VAL B 114 -18.68 -10.69 24.52
C VAL B 114 -19.65 -11.44 25.42
N LYS B 115 -19.20 -12.51 26.08
CA LYS B 115 -20.06 -13.20 27.03
C LYS B 115 -20.43 -12.30 28.20
N GLN B 116 -19.43 -11.60 28.77
CA GLN B 116 -19.70 -10.69 29.89
C GLN B 116 -20.59 -9.53 29.46
N CYS B 117 -20.38 -9.01 28.24
CA CYS B 117 -21.21 -7.90 27.78
C CYS B 117 -22.64 -8.33 27.49
N GLN B 118 -22.84 -9.57 27.00
CA GLN B 118 -24.20 -10.05 26.79
C GLN B 118 -24.89 -10.34 28.12
N GLN B 119 -24.14 -10.78 29.13
CA GLN B 119 -24.77 -11.04 30.42
C GLN B 119 -25.11 -9.76 31.17
N ALA B 120 -24.20 -8.78 31.17
CA ALA B 120 -24.42 -7.55 31.93
C ALA B 120 -25.20 -6.51 31.15
N TYR B 121 -24.98 -6.39 29.84
CA TYR B 121 -25.58 -5.35 29.02
C TYR B 121 -26.28 -5.99 27.81
N PRO B 122 -27.42 -6.65 28.04
CA PRO B 122 -27.99 -7.48 26.97
C PRO B 122 -28.62 -6.69 25.84
N GLU B 123 -28.96 -5.42 26.03
CA GLU B 123 -29.48 -4.61 24.95
C GLU B 123 -28.37 -4.01 24.10
N MET B 124 -27.12 -4.20 24.49
CA MET B 124 -25.97 -3.80 23.70
C MET B 124 -25.65 -4.87 22.67
N SER B 125 -25.45 -4.46 21.43
CA SER B 125 -25.12 -5.36 20.33
C SER B 125 -23.70 -5.08 19.87
N LEU B 126 -22.82 -6.05 20.05
CA LEU B 126 -21.42 -5.92 19.64
C LEU B 126 -21.28 -6.48 18.23
N LEU B 127 -21.20 -5.58 17.25
CA LEU B 127 -20.94 -5.97 15.86
C LEU B 127 -19.43 -6.10 15.72
N LEU B 128 -18.95 -7.32 15.83
CA LEU B 128 -17.54 -7.58 16.03
C LEU B 128 -16.82 -7.79 14.70
N LYS B 129 -15.48 -7.77 14.78
CA LYS B 129 -14.64 -7.90 13.60
C LYS B 129 -13.27 -8.43 14.02
N GLU B 130 -12.66 -9.25 13.16
CA GLU B 130 -11.28 -9.72 13.35
C GLU B 130 -10.48 -9.28 12.13
N ASP B 131 -9.49 -8.41 12.36
CA ASP B 131 -8.68 -7.91 11.24
C ASP B 131 -7.37 -7.35 11.79
N THR B 132 -6.49 -6.96 10.86
CA THR B 132 -5.18 -6.44 11.23
C THR B 132 -5.26 -4.94 11.52
N THR B 133 -4.15 -4.42 12.06
CA THR B 133 -4.12 -3.07 12.63
C THR B 133 -4.38 -1.99 11.57
N GLU B 134 -3.75 -2.12 10.39
CA GLU B 134 -3.90 -1.10 9.34
C GLU B 134 -5.33 -1.04 8.83
N ARG B 135 -5.91 -2.21 8.55
CA ARG B 135 -7.31 -2.28 8.11
C ARG B 135 -8.27 -1.81 9.20
N LEU B 136 -7.98 -2.15 10.46
CA LEU B 136 -8.82 -1.69 11.57
C LEU B 136 -8.78 -0.18 11.71
N LEU B 137 -7.59 0.41 11.60
CA LEU B 137 -7.46 1.86 11.70
C LEU B 137 -8.17 2.56 10.55
N ASP B 138 -8.09 1.98 9.34
CA ASP B 138 -8.82 2.56 8.21
C ASP B 138 -10.32 2.47 8.42
N ALA B 139 -10.80 1.34 8.93
CA ALA B 139 -12.23 1.17 9.21
C ALA B 139 -12.72 2.15 10.28
N LEU B 140 -11.93 2.35 11.35
CA LEU B 140 -12.31 3.27 12.40
C LEU B 140 -12.32 4.72 11.91
N GLY B 141 -11.30 5.11 11.14
CA GLY B 141 -11.26 6.46 10.62
C GLY B 141 -12.33 6.76 9.59
N LYS B 142 -12.71 5.75 8.80
CA LYS B 142 -13.80 5.91 7.85
C LYS B 142 -15.18 5.79 8.50
N GLY B 143 -15.26 5.37 9.75
CA GLY B 143 -16.53 5.19 10.42
C GLY B 143 -17.10 3.79 10.33
N GLU B 144 -16.40 2.84 9.72
CA GLU B 144 -16.91 1.48 9.61
C GLU B 144 -16.84 0.74 10.95
N LEU B 145 -16.09 1.27 11.91
CA LEU B 145 -15.97 0.70 13.24
C LEU B 145 -15.97 1.83 14.25
N ASP B 146 -16.19 1.47 15.51
CA ASP B 146 -16.25 2.43 16.60
C ASP B 146 -15.15 2.24 17.63
N LEU B 147 -14.69 1.02 17.87
CA LEU B 147 -13.71 0.76 18.91
C LEU B 147 -12.74 -0.32 18.44
N LEU B 148 -11.46 -0.15 18.79
CA LEU B 148 -10.42 -1.10 18.40
C LEU B 148 -9.69 -1.60 19.64
N ILE B 149 -9.62 -2.93 19.78
CA ILE B 149 -8.72 -3.56 20.73
C ILE B 149 -7.42 -3.86 19.98
N LEU B 150 -6.34 -3.16 20.34
CA LEU B 150 -5.10 -3.40 19.65
C LEU B 150 -3.95 -3.24 20.62
N ALA B 151 -2.73 -3.23 20.09
CA ALA B 151 -1.52 -3.07 20.87
C ALA B 151 -0.96 -1.66 20.63
N LEU B 152 -0.80 -0.91 21.71
CA LEU B 152 -0.46 0.51 21.61
C LEU B 152 0.87 0.92 21.00
N PRO B 153 2.00 0.14 21.04
CA PRO B 153 3.26 0.70 20.50
C PRO B 153 3.27 1.07 19.01
N VAL B 154 2.18 0.84 18.29
CA VAL B 154 1.93 1.50 17.01
C VAL B 154 0.98 2.67 17.25
N ASP B 155 1.45 3.88 16.93
CA ASP B 155 0.68 5.08 17.24
C ASP B 155 -0.46 5.27 16.25
N THR B 156 -1.52 5.88 16.74
CA THR B 156 -2.77 6.06 16.00
C THR B 156 -2.97 7.56 15.80
N SER B 157 -2.35 8.11 14.77
CA SER B 157 -2.46 9.53 14.49
C SER B 157 -3.88 9.87 14.06
N GLY B 158 -4.40 10.97 14.61
CA GLY B 158 -5.77 11.39 14.35
C GLY B 158 -6.79 10.77 15.29
N TYR B 159 -6.38 9.90 16.20
CA TYR B 159 -7.29 9.21 17.08
C TYR B 159 -6.76 9.37 18.50
N HIS B 160 -7.59 9.09 19.49
CA HIS B 160 -7.13 9.09 20.87
C HIS B 160 -7.20 7.68 21.42
N SER B 161 -6.18 7.29 22.18
CA SER B 161 -6.08 5.93 22.66
C SER B 161 -5.87 5.91 24.17
N MET B 162 -6.19 4.75 24.74
CA MET B 162 -6.11 4.47 26.16
C MET B 162 -5.45 3.11 26.39
N LYS B 163 -4.40 3.09 27.21
CA LYS B 163 -3.83 1.82 27.65
C LYS B 163 -4.75 1.16 28.68
N VAL B 164 -5.03 -0.13 28.48
CA VAL B 164 -5.77 -0.92 29.46
C VAL B 164 -4.94 -2.00 30.11
N GLY B 165 -3.75 -2.30 29.60
CA GLY B 165 -2.91 -3.25 30.28
C GLY B 165 -1.68 -3.62 29.48
N ILE B 166 -0.98 -4.65 29.97
CA ILE B 166 0.19 -5.20 29.31
C ILE B 166 0.03 -6.72 29.25
N ASP B 167 0.81 -7.35 28.37
CA ASP B 167 1.01 -8.79 28.45
C ASP B 167 2.45 -9.08 28.06
N PRO B 168 3.17 -9.88 28.86
CA PRO B 168 4.57 -10.19 28.56
C PRO B 168 4.72 -11.04 27.31
N PHE B 169 5.90 -10.89 26.69
CA PHE B 169 6.35 -11.79 25.64
C PHE B 169 7.08 -12.97 26.25
N LYS B 170 6.89 -14.15 25.66
CA LYS B 170 7.60 -15.35 26.07
C LYS B 170 8.12 -16.05 24.83
N MET B 171 9.19 -16.83 25.00
CA MET B 171 9.74 -17.62 23.90
C MET B 171 9.44 -19.07 24.17
N VAL B 172 8.89 -19.77 23.17
CA VAL B 172 8.52 -21.17 23.38
C VAL B 172 9.46 -22.06 22.59
N ILE B 173 9.65 -23.27 23.12
CA ILE B 173 10.60 -24.22 22.53
C ILE B 173 10.14 -25.63 22.85
N HIS B 174 10.64 -26.61 22.12
CA HIS B 174 10.35 -28.00 22.46
C HIS B 174 11.19 -28.43 23.66
N LYS B 175 10.64 -29.36 24.44
CA LYS B 175 11.37 -29.84 25.61
C LYS B 175 12.61 -30.64 25.22
N ASP B 176 12.54 -31.42 24.14
CA ASP B 176 13.70 -32.16 23.63
C ASP B 176 14.54 -31.28 22.72
N LEU B 177 14.96 -30.12 23.21
CA LEU B 177 15.81 -29.23 22.45
C LEU B 177 16.53 -28.31 23.42
N ASP B 186 21.71 -17.05 24.54
CA ASP B 186 21.11 -17.56 23.32
C ASP B 186 20.92 -16.44 22.30
N TYR B 187 21.79 -15.44 22.38
CA TYR B 187 21.73 -14.33 21.44
C TYR B 187 22.09 -14.78 20.03
N GLN B 188 23.18 -15.55 19.90
CA GLN B 188 23.60 -16.06 18.60
C GLN B 188 23.79 -17.58 18.61
N THR B 189 23.33 -18.25 19.66
CA THR B 189 23.39 -19.72 19.70
C THR B 189 22.35 -20.34 18.77
N LEU B 190 21.23 -19.65 18.57
CA LEU B 190 20.13 -20.15 17.76
C LEU B 190 20.55 -20.37 16.31
N PRO B 191 20.03 -21.41 15.64
CA PRO B 191 20.31 -21.59 14.22
C PRO B 191 19.71 -20.48 13.38
N ASP B 192 20.19 -20.42 12.13
CA ASP B 192 19.93 -19.29 11.24
C ASP B 192 18.51 -19.24 10.70
N GLU B 193 17.64 -20.19 11.03
CA GLU B 193 16.24 -20.09 10.62
C GLU B 193 15.34 -20.55 11.75
N SER B 194 15.66 -20.14 12.97
CA SER B 194 15.00 -20.66 14.17
C SER B 194 14.25 -19.58 14.94
N ILE B 195 13.89 -18.50 14.27
CA ILE B 195 12.96 -17.51 14.80
C ILE B 195 11.74 -17.54 13.90
N PHE B 196 10.68 -18.22 14.35
CA PHE B 196 9.41 -18.17 13.61
C PHE B 196 8.68 -16.87 13.92
N LEU B 197 8.30 -16.14 12.87
CA LEU B 197 7.62 -14.86 13.03
C LEU B 197 6.46 -14.75 12.04
N LEU B 198 5.45 -13.96 12.41
CA LEU B 198 4.32 -13.65 11.55
C LEU B 198 4.70 -12.59 10.51
N GLN B 199 3.81 -12.38 9.55
CA GLN B 199 4.01 -11.33 8.56
C GLN B 199 3.99 -9.96 9.20
N SER B 200 4.71 -9.02 8.58
CA SER B 200 4.96 -7.72 9.21
C SER B 200 3.71 -6.88 9.39
N GLU B 201 2.61 -7.21 8.70
CA GLU B 201 1.37 -6.50 8.93
C GLU B 201 0.72 -6.89 10.25
N HIS B 202 1.14 -8.00 10.85
CA HIS B 202 0.80 -8.30 12.23
C HIS B 202 1.78 -7.55 13.14
N SER B 203 1.24 -6.76 14.07
CA SER B 203 2.08 -5.90 14.89
C SER B 203 2.88 -6.68 15.92
N ILE B 204 2.54 -7.94 16.17
CA ILE B 204 3.24 -8.73 17.18
C ILE B 204 4.69 -9.00 16.75
N THR B 205 4.93 -9.07 15.43
CA THR B 205 6.29 -9.29 14.94
C THR B 205 7.20 -8.12 15.29
N GLY B 206 6.79 -6.90 14.95
CA GLY B 206 7.59 -5.73 15.28
C GLY B 206 7.69 -5.48 16.78
N HIS B 207 6.60 -5.73 17.51
CA HIS B 207 6.64 -5.55 18.96
C HIS B 207 7.59 -6.54 19.62
N ALA B 208 7.60 -7.79 19.15
CA ALA B 208 8.51 -8.78 19.72
C ALA B 208 9.96 -8.48 19.35
N ILE B 209 10.20 -8.00 18.12
CA ILE B 209 11.55 -7.63 17.71
C ILE B 209 12.09 -6.49 18.56
N THR B 210 11.27 -5.46 18.79
CA THR B 210 11.74 -4.32 19.58
C THR B 210 11.86 -4.66 21.06
N ALA B 211 10.87 -5.36 21.61
CA ALA B 211 10.84 -5.60 23.05
C ALA B 211 11.87 -6.63 23.48
N CYS B 212 12.02 -7.70 22.72
CA CYS B 212 12.93 -8.77 23.09
C CYS B 212 14.32 -8.58 22.50
N GLN B 213 14.56 -7.45 21.82
CA GLN B 213 15.87 -7.04 21.32
C GLN B 213 16.45 -8.08 20.35
N LEU B 214 15.69 -8.35 19.29
CA LEU B 214 16.16 -9.21 18.21
C LEU B 214 16.82 -8.32 17.16
N GLY B 215 18.12 -8.11 17.30
CA GLY B 215 18.88 -7.31 16.38
C GLY B 215 19.47 -8.06 15.20
N ASP B 216 19.11 -9.33 15.00
CA ASP B 216 19.65 -10.16 13.93
C ASP B 216 18.48 -10.72 13.12
N SER B 217 18.18 -10.09 11.99
CA SER B 217 17.12 -10.56 11.10
C SER B 217 17.49 -11.83 10.34
N ALA B 218 18.76 -12.26 10.40
CA ALA B 218 19.15 -13.49 9.73
C ALA B 218 18.47 -14.70 10.36
N LYS B 219 18.32 -14.69 11.68
CA LYS B 219 17.78 -15.83 12.41
C LYS B 219 16.30 -16.08 12.16
N VAL B 220 15.60 -15.17 11.48
CA VAL B 220 14.19 -15.36 11.20
C VAL B 220 14.03 -16.39 10.10
N ASN B 221 13.18 -17.40 10.34
CA ASN B 221 12.77 -18.31 9.30
C ASN B 221 11.93 -17.55 8.27
N PRO B 222 12.03 -17.94 6.99
CA PRO B 222 11.22 -17.26 5.97
C PRO B 222 9.75 -17.66 5.92
N PHE B 223 9.23 -18.31 6.97
CA PHE B 223 7.78 -18.46 7.10
C PHE B 223 7.15 -17.07 7.14
N ALA B 224 6.18 -16.83 6.26
CA ALA B 224 5.31 -15.66 6.32
C ALA B 224 3.97 -16.15 6.89
N ALA B 225 3.90 -16.22 8.22
CA ALA B 225 2.76 -16.79 8.93
C ALA B 225 1.73 -15.72 9.26
N THR B 226 0.50 -16.18 9.50
CA THR B 226 -0.57 -15.33 9.99
C THR B 226 -1.23 -15.84 11.26
N SER B 227 -1.10 -17.12 11.57
CA SER B 227 -1.70 -17.72 12.75
C SER B 227 -0.62 -18.16 13.73
N LEU B 228 -0.77 -17.74 14.99
CA LEU B 228 0.16 -18.16 16.03
C LEU B 228 -0.02 -19.62 16.41
N HIS B 229 -1.20 -20.20 16.15
CA HIS B 229 -1.40 -21.63 16.36
C HIS B 229 -0.60 -22.44 15.36
N THR B 230 -0.47 -21.95 14.12
CA THR B 230 0.41 -22.60 13.15
C THR B 230 1.85 -22.57 13.63
N LEU B 231 2.30 -21.45 14.21
CA LEU B 231 3.66 -21.38 14.72
C LEU B 231 3.84 -22.26 15.95
N VAL B 232 2.79 -22.42 16.74
CA VAL B 232 2.83 -23.39 17.85
C VAL B 232 3.03 -24.79 17.33
N GLN B 233 2.34 -25.14 16.24
CA GLN B 233 2.54 -26.44 15.60
C GLN B 233 3.95 -26.57 15.03
N MET B 234 4.49 -25.48 14.48
CA MET B 234 5.86 -25.49 13.96
C MET B 234 6.86 -25.77 15.07
N VAL B 235 6.71 -25.08 16.21
CA VAL B 235 7.65 -25.24 17.31
C VAL B 235 7.50 -26.62 17.95
N ASN B 236 6.26 -27.11 18.07
CA ASN B 236 6.05 -28.44 18.63
C ASN B 236 6.56 -29.54 17.73
N SER B 237 6.78 -29.25 16.45
CA SER B 237 7.34 -30.21 15.50
C SER B 237 8.86 -30.19 15.48
N LYS B 238 9.49 -29.51 16.45
CA LYS B 238 10.95 -29.33 16.53
C LYS B 238 11.51 -28.66 15.27
N LEU B 239 10.81 -27.65 14.78
CA LEU B 239 11.23 -26.93 13.59
C LEU B 239 11.77 -25.53 13.88
N GLY B 240 11.80 -25.13 15.14
CA GLY B 240 12.29 -23.81 15.50
C GLY B 240 11.57 -23.28 16.73
N THR B 241 11.82 -22.01 17.02
CA THR B 241 11.25 -21.31 18.17
C THR B 241 10.41 -20.14 17.69
N THR B 242 9.58 -19.62 18.60
CA THR B 242 8.79 -18.44 18.29
C THR B 242 8.45 -17.67 19.56
N PHE B 243 7.98 -16.44 19.35
CA PHE B 243 7.48 -15.56 20.40
C PHE B 243 5.98 -15.73 20.55
N LEU B 244 5.51 -15.67 21.79
CA LEU B 244 4.10 -15.80 22.10
C LEU B 244 3.70 -14.75 23.13
N PRO B 245 2.51 -14.17 22.99
CA PRO B 245 1.98 -13.32 24.06
C PRO B 245 1.48 -14.15 25.22
N GLN B 246 1.46 -13.51 26.40
CA GLN B 246 1.06 -14.19 27.63
C GLN B 246 -0.40 -14.63 27.61
N MET B 247 -1.26 -13.85 26.95
CA MET B 247 -2.67 -14.22 26.89
C MET B 247 -2.89 -15.51 26.10
N ALA B 248 -1.98 -15.85 25.19
CA ALA B 248 -2.08 -17.11 24.46
C ALA B 248 -1.80 -18.30 25.37
N ILE B 249 -0.74 -18.20 26.17
CA ILE B 249 -0.38 -19.29 27.07
C ILE B 249 -1.41 -19.41 28.19
N ASP B 250 -1.92 -18.28 28.68
CA ASP B 250 -2.96 -18.30 29.70
C ASP B 250 -4.27 -18.85 29.17
N ALA B 251 -4.57 -18.62 27.88
CA ALA B 251 -5.73 -19.25 27.27
C ALA B 251 -5.53 -20.75 27.05
N GLY B 252 -4.29 -21.23 27.10
CA GLY B 252 -4.01 -22.63 26.91
C GLY B 252 -3.57 -23.04 25.52
N ILE B 253 -2.84 -22.17 24.81
CA ILE B 253 -2.37 -22.52 23.47
C ILE B 253 -1.30 -23.60 23.51
N LEU B 254 -0.64 -23.80 24.64
CA LEU B 254 0.39 -24.82 24.76
C LEU B 254 -0.16 -26.16 25.24
N ASN B 255 -1.47 -26.29 25.36
CA ASN B 255 -2.08 -27.57 25.68
C ASN B 255 -1.90 -28.53 24.52
N ASP B 256 -1.77 -29.83 24.84
CA ASP B 256 -1.51 -30.92 23.92
C ASP B 256 -0.21 -30.73 23.14
N THR B 257 0.74 -29.97 23.69
CA THR B 257 2.05 -29.82 23.10
C THR B 257 3.11 -30.19 24.13
N ASP B 258 4.37 -29.92 23.80
CA ASP B 258 5.51 -30.23 24.66
C ASP B 258 6.44 -29.03 24.75
N LEU B 259 5.87 -27.85 24.98
CA LEU B 259 6.59 -26.59 24.81
C LEU B 259 6.93 -25.96 26.17
N VAL B 260 8.17 -25.49 26.28
CA VAL B 260 8.64 -24.69 27.39
C VAL B 260 8.46 -23.21 27.07
N VAL B 261 7.83 -22.51 28.00
CA VAL B 261 7.88 -21.06 28.12
C VAL B 261 9.20 -20.66 28.77
N MET B 262 9.93 -19.74 28.14
CA MET B 262 11.12 -19.17 28.76
C MET B 262 11.15 -17.68 28.51
N THR B 263 11.85 -16.99 29.37
CA THR B 263 11.87 -15.53 29.30
C THR B 263 12.74 -15.05 28.15
N PRO B 264 12.38 -13.92 27.54
CA PRO B 264 13.28 -13.23 26.60
C PRO B 264 14.47 -12.63 27.32
N PRO B 265 15.39 -11.95 26.61
CA PRO B 265 16.50 -11.27 27.29
C PRO B 265 16.08 -10.30 28.41
N GLY B 266 14.88 -9.75 28.35
CA GLY B 266 14.30 -9.06 29.48
C GLY B 266 14.48 -7.56 29.54
N GLU B 267 14.47 -6.86 28.41
CA GLU B 267 14.50 -5.39 28.41
C GLU B 267 13.06 -4.87 28.39
N ALA B 268 12.37 -5.06 29.52
CA ALA B 268 10.93 -4.87 29.63
C ALA B 268 10.20 -5.63 28.51
N PRO B 269 10.23 -6.98 28.51
CA PRO B 269 9.66 -7.75 27.40
C PRO B 269 8.14 -7.95 27.49
N TYR B 270 7.39 -6.96 27.04
CA TYR B 270 5.94 -7.06 26.99
C TYR B 270 5.43 -6.23 25.82
N ARG B 271 4.12 -6.27 25.62
CA ARG B 271 3.44 -5.33 24.75
C ARG B 271 2.27 -4.73 25.51
N ASP B 272 1.97 -3.47 25.20
CA ASP B 272 0.82 -2.80 25.77
C ASP B 272 -0.43 -3.17 24.98
N ILE B 273 -1.53 -3.39 25.69
CA ILE B 273 -2.84 -3.61 25.09
C ILE B 273 -3.72 -2.43 25.46
N GLY B 274 -4.48 -1.94 24.49
CA GLY B 274 -5.42 -0.89 24.79
C GLY B 274 -6.46 -0.71 23.71
N LEU B 275 -7.23 0.36 23.86
CA LEU B 275 -8.37 0.68 23.02
C LEU B 275 -8.11 1.95 22.25
N VAL B 276 -8.69 2.02 21.05
CA VAL B 276 -8.56 3.18 20.17
C VAL B 276 -9.97 3.53 19.67
N TRP B 277 -10.31 4.82 19.70
CA TRP B 277 -11.58 5.30 19.20
C TRP B 277 -11.38 6.69 18.63
N ARG B 278 -12.43 7.23 18.01
CA ARG B 278 -12.36 8.56 17.43
C ARG B 278 -12.49 9.63 18.50
N GLN B 279 -11.80 10.76 18.27
CA GLN B 279 -11.83 11.87 19.21
C GLN B 279 -13.18 12.57 19.24
N THR B 280 -13.96 12.45 18.17
CA THR B 280 -15.34 12.95 18.12
C THR B 280 -16.32 11.84 18.49
N THR B 281 -16.14 11.28 19.68
CA THR B 281 -17.00 10.20 20.16
C THR B 281 -18.06 10.71 21.12
N SER B 282 -19.18 9.99 21.15
CA SER B 282 -20.25 10.24 22.12
C SER B 282 -20.41 9.09 23.11
N ARG B 283 -19.51 8.11 23.07
CA ARG B 283 -19.63 6.93 23.91
C ARG B 283 -18.40 6.78 24.80
N ILE B 284 -17.96 7.87 25.43
CA ILE B 284 -16.75 7.82 26.26
C ILE B 284 -16.97 6.97 27.50
N LEU B 285 -18.19 6.98 28.07
CA LEU B 285 -18.49 6.13 29.22
C LEU B 285 -18.54 4.67 28.81
N THR B 286 -19.11 4.39 27.64
CA THR B 286 -19.18 3.02 27.14
C THR B 286 -17.78 2.47 26.86
N PHE B 287 -16.94 3.26 26.20
CA PHE B 287 -15.61 2.77 25.84
C PHE B 287 -14.74 2.65 27.09
N ARG B 288 -14.93 3.54 28.07
CA ARG B 288 -14.21 3.41 29.33
C ARG B 288 -14.64 2.16 30.10
N THR B 289 -15.93 1.79 30.03
CA THR B 289 -16.38 0.55 30.65
C THR B 289 -15.77 -0.67 29.97
N LEU B 290 -15.75 -0.67 28.63
CA LEU B 290 -15.13 -1.76 27.90
C LEU B 290 -13.63 -1.86 28.21
N GLY B 291 -12.98 -0.71 28.38
CA GLY B 291 -11.59 -0.73 28.83
C GLY B 291 -11.40 -1.29 30.22
N LEU B 292 -12.30 -0.93 31.15
CA LEU B 292 -12.23 -1.49 32.51
C LEU B 292 -12.43 -2.99 32.52
N LEU B 293 -13.36 -3.48 31.71
CA LEU B 293 -13.62 -4.91 31.65
C LEU B 293 -12.44 -5.65 31.02
N ILE B 294 -11.85 -5.09 29.97
CA ILE B 294 -10.70 -5.71 29.32
C ILE B 294 -9.50 -5.69 30.26
N GLN B 295 -9.32 -4.60 31.00
CA GLN B 295 -8.25 -4.50 31.99
C GLN B 295 -8.43 -5.54 33.09
N LYS B 296 -9.68 -5.79 33.51
CA LYS B 296 -9.94 -6.84 34.48
C LYS B 296 -9.57 -8.21 33.94
N LEU B 297 -9.93 -8.51 32.69
CA LEU B 297 -9.52 -9.79 32.12
C LEU B 297 -8.02 -9.87 31.91
N LEU B 298 -7.38 -8.75 31.61
CA LEU B 298 -5.92 -8.73 31.45
C LEU B 298 -5.23 -8.89 32.80
N GLU C 91 -15.62 31.57 13.89
CA GLU C 91 -14.65 32.41 14.54
C GLU C 91 -13.26 32.53 13.81
N PRO C 92 -12.92 33.76 13.43
CA PRO C 92 -11.64 34.02 12.76
C PRO C 92 -10.49 33.83 13.74
N MET C 93 -9.49 33.07 13.31
CA MET C 93 -8.34 32.63 14.11
C MET C 93 -8.76 32.04 15.46
N THR C 94 -9.76 31.17 15.41
CA THR C 94 -10.13 30.35 16.55
C THR C 94 -10.60 29.01 16.01
N GLY C 95 -10.20 27.93 16.67
CA GLY C 95 -10.57 26.60 16.23
C GLY C 95 -9.45 25.91 15.49
N ASP C 96 -9.80 24.74 14.93
CA ASP C 96 -8.84 23.87 14.26
C ASP C 96 -8.75 24.23 12.79
N ILE C 97 -7.53 24.43 12.30
CA ILE C 97 -7.28 24.66 10.88
C ILE C 97 -6.20 23.70 10.42
N ARG C 98 -6.48 22.96 9.36
CA ARG C 98 -5.57 21.94 8.84
C ARG C 98 -4.79 22.54 7.69
N LEU C 99 -3.52 22.87 7.97
CA LEU C 99 -2.67 23.59 7.03
C LEU C 99 -1.59 22.65 6.50
N GLY C 100 -1.43 22.62 5.18
CA GLY C 100 -0.41 21.82 4.54
C GLY C 100 0.63 22.72 3.88
N CYS C 101 1.88 22.26 3.89
CA CYS C 101 2.99 23.00 3.30
C CYS C 101 3.91 22.04 2.57
N ILE C 102 4.44 22.48 1.42
CA ILE C 102 5.33 21.65 0.60
C ILE C 102 6.73 21.60 1.22
N PRO C 103 7.48 20.50 1.04
CA PRO C 103 8.80 20.41 1.68
C PRO C 103 9.84 21.39 1.15
N THR C 104 9.62 22.03 0.02
CA THR C 104 10.55 23.03 -0.48
C THR C 104 10.24 24.43 0.05
N ILE C 105 9.20 24.58 0.86
CA ILE C 105 8.89 25.85 1.52
C ILE C 105 8.98 25.72 3.03
N ALA C 106 8.50 24.61 3.59
CA ALA C 106 8.31 24.45 5.04
C ALA C 106 9.55 24.73 5.90
N PRO C 107 10.76 24.22 5.63
CA PRO C 107 11.87 24.45 6.57
C PRO C 107 12.39 25.88 6.60
N PHE C 108 11.87 26.76 5.76
CA PHE C 108 12.33 28.14 5.71
C PHE C 108 11.27 29.16 6.10
N LEU C 109 10.00 28.76 6.23
CA LEU C 109 8.95 29.69 6.60
C LEU C 109 7.95 29.17 7.64
N LEU C 110 7.79 27.84 7.76
CA LEU C 110 6.64 27.30 8.49
C LEU C 110 6.75 27.54 9.99
N SER C 111 7.95 27.43 10.54
CA SER C 111 8.13 27.65 11.98
C SER C 111 7.83 29.08 12.36
N ARG C 112 8.25 30.04 11.53
CA ARG C 112 7.96 31.45 11.81
C ARG C 112 6.47 31.73 11.68
N VAL C 113 5.81 31.10 10.69
CA VAL C 113 4.36 31.27 10.55
C VAL C 113 3.65 30.76 11.79
N VAL C 114 3.99 29.56 12.24
CA VAL C 114 3.32 28.95 13.39
C VAL C 114 3.63 29.71 14.67
N LYS C 115 4.87 30.19 14.82
CA LYS C 115 5.26 30.95 15.99
C LYS C 115 4.47 32.26 16.10
N GLN C 116 4.41 33.03 15.01
CA GLN C 116 3.65 34.27 15.02
C GLN C 116 2.16 34.02 15.18
N CYS C 117 1.67 32.90 14.66
CA CYS C 117 0.25 32.60 14.80
C CYS C 117 -0.11 32.20 16.22
N GLN C 118 0.77 31.49 16.92
CA GLN C 118 0.42 31.16 18.29
C GLN C 118 0.81 32.25 19.26
N GLN C 119 1.48 33.30 18.80
CA GLN C 119 1.65 34.47 19.65
C GLN C 119 0.52 35.48 19.46
N ALA C 120 0.07 35.73 18.23
CA ALA C 120 -0.99 36.70 18.01
C ALA C 120 -2.38 36.10 18.08
N TYR C 121 -2.54 34.80 17.81
CA TYR C 121 -3.83 34.14 17.80
C TYR C 121 -3.73 32.81 18.55
N PRO C 122 -3.63 32.85 19.89
CA PRO C 122 -3.37 31.61 20.64
C PRO C 122 -4.53 30.63 20.68
N GLU C 123 -5.72 31.01 20.22
CA GLU C 123 -6.87 30.10 20.24
C GLU C 123 -7.07 29.37 18.91
N MET C 124 -6.18 29.57 17.94
CA MET C 124 -6.21 28.85 16.68
C MET C 124 -5.14 27.78 16.68
N SER C 125 -5.54 26.55 16.41
CA SER C 125 -4.63 25.40 16.40
C SER C 125 -4.32 25.03 14.96
N LEU C 126 -3.06 25.17 14.57
CA LEU C 126 -2.61 24.80 13.24
C LEU C 126 -2.22 23.32 13.26
N LEU C 127 -3.02 22.49 12.60
CA LEU C 127 -2.72 21.05 12.49
C LEU C 127 -1.98 20.84 11.18
N LEU C 128 -0.67 20.65 11.27
CA LEU C 128 0.24 20.84 10.15
C LEU C 128 0.50 19.54 9.38
N LYS C 129 0.90 19.71 8.11
CA LYS C 129 1.25 18.58 7.27
C LYS C 129 2.30 19.00 6.25
N GLU C 130 3.35 18.19 6.11
CA GLU C 130 4.36 18.37 5.08
C GLU C 130 4.17 17.30 4.02
N ASP C 131 3.91 17.72 2.78
CA ASP C 131 3.71 16.78 1.68
C ASP C 131 3.81 17.54 0.37
N THR C 132 3.85 16.78 -0.71
CA THR C 132 4.03 17.35 -2.05
C THR C 132 2.68 17.77 -2.62
N THR C 133 2.76 18.57 -3.70
CA THR C 133 1.66 19.43 -4.13
C THR C 133 0.40 18.65 -4.49
N GLU C 134 0.55 17.56 -5.25
CA GLU C 134 -0.61 16.78 -5.69
C GLU C 134 -1.31 16.11 -4.52
N ARG C 135 -0.54 15.63 -3.54
CA ARG C 135 -1.15 14.99 -2.37
C ARG C 135 -1.83 16.02 -1.48
N LEU C 136 -1.27 17.23 -1.38
CA LEU C 136 -1.92 18.31 -0.66
C LEU C 136 -3.21 18.72 -1.34
N LEU C 137 -3.23 18.78 -2.68
CA LEU C 137 -4.45 19.10 -3.40
C LEU C 137 -5.51 18.03 -3.22
N ASP C 138 -5.09 16.76 -3.21
CA ASP C 138 -6.03 15.66 -2.97
C ASP C 138 -6.63 15.76 -1.57
N ALA C 139 -5.80 16.07 -0.58
CA ALA C 139 -6.31 16.24 0.78
C ALA C 139 -7.25 17.44 0.89
N LEU C 140 -6.94 18.54 0.20
CA LEU C 140 -7.82 19.70 0.19
C LEU C 140 -9.17 19.39 -0.44
N GLY C 141 -9.17 18.61 -1.52
CA GLY C 141 -10.42 18.28 -2.18
C GLY C 141 -11.26 17.27 -1.42
N LYS C 142 -10.62 16.35 -0.70
CA LYS C 142 -11.36 15.37 0.08
C LYS C 142 -11.61 15.81 1.51
N GLY C 143 -11.25 17.04 1.87
CA GLY C 143 -11.54 17.56 3.19
C GLY C 143 -10.53 17.20 4.26
N GLU C 144 -9.41 16.58 3.89
CA GLU C 144 -8.39 16.27 4.90
C GLU C 144 -7.61 17.50 5.30
N LEU C 145 -7.53 18.52 4.45
CA LEU C 145 -6.88 19.77 4.79
C LEU C 145 -7.76 20.93 4.35
N ASP C 146 -7.56 22.07 5.00
CA ASP C 146 -8.33 23.27 4.70
C ASP C 146 -7.55 24.35 3.98
N LEU C 147 -6.25 24.45 4.20
CA LEU C 147 -5.42 25.51 3.64
C LEU C 147 -4.07 24.95 3.22
N LEU C 148 -3.54 25.41 2.09
CA LEU C 148 -2.28 24.91 1.54
C LEU C 148 -1.34 26.07 1.23
N ILE C 149 -0.06 25.89 1.59
CA ILE C 149 1.00 26.82 1.20
C ILE C 149 1.75 26.19 0.03
N LEU C 150 1.62 26.78 -1.15
CA LEU C 150 2.12 26.18 -2.39
C LEU C 150 2.79 27.27 -3.23
N ALA C 151 2.98 26.97 -4.51
CA ALA C 151 3.28 27.94 -5.53
C ALA C 151 2.00 28.38 -6.26
N LEU C 152 2.14 29.38 -7.11
CA LEU C 152 1.06 29.78 -8.00
C LEU C 152 0.95 28.92 -9.26
N PRO C 153 2.06 28.64 -10.04
CA PRO C 153 1.84 27.94 -11.32
C PRO C 153 1.71 26.43 -11.15
N VAL C 154 0.67 26.00 -10.44
CA VAL C 154 0.25 24.61 -10.38
C VAL C 154 -1.26 24.55 -10.59
N ASP C 155 -1.74 23.34 -10.87
CA ASP C 155 -3.13 23.15 -11.26
C ASP C 155 -4.05 23.35 -10.06
N THR C 156 -4.76 24.49 -10.04
CA THR C 156 -5.66 24.81 -8.94
C THR C 156 -7.08 24.97 -9.44
N SER C 157 -7.54 24.06 -10.29
CA SER C 157 -8.89 24.14 -10.83
C SER C 157 -9.90 23.81 -9.74
N GLY C 158 -10.90 24.68 -9.59
CA GLY C 158 -11.93 24.47 -8.59
C GLY C 158 -11.57 24.88 -7.18
N TYR C 159 -10.47 25.61 -7.01
CA TYR C 159 -10.04 26.11 -5.72
C TYR C 159 -9.75 27.60 -5.85
N HIS C 160 -9.34 28.21 -4.76
CA HIS C 160 -9.04 29.63 -4.72
C HIS C 160 -7.57 29.81 -4.40
N SER C 161 -6.87 30.58 -5.23
CA SER C 161 -5.44 30.82 -5.03
C SER C 161 -5.20 32.30 -4.79
N MET C 162 -4.35 32.59 -3.80
CA MET C 162 -3.94 33.96 -3.51
C MET C 162 -2.41 33.99 -3.46
N LYS C 163 -1.80 34.77 -4.36
CA LYS C 163 -0.35 34.90 -4.37
C LYS C 163 0.11 35.78 -3.21
N VAL C 164 1.10 35.30 -2.46
CA VAL C 164 1.60 36.01 -1.29
C VAL C 164 3.03 36.49 -1.48
N GLY C 165 3.65 36.23 -2.63
CA GLY C 165 4.99 36.74 -2.87
C GLY C 165 5.72 35.90 -3.90
N ILE C 166 7.02 36.20 -4.02
CA ILE C 166 7.93 35.51 -4.93
C ILE C 166 9.21 35.19 -4.18
N ASP C 167 9.97 34.22 -4.73
CA ASP C 167 11.35 34.00 -4.30
C ASP C 167 12.17 33.62 -5.54
N PRO C 168 13.28 34.30 -5.78
CA PRO C 168 14.09 34.00 -6.97
C PRO C 168 14.76 32.63 -6.90
N PHE C 169 15.05 32.09 -8.09
CA PHE C 169 15.86 30.89 -8.25
C PHE C 169 17.31 31.31 -8.41
N LYS C 170 18.21 30.64 -7.67
CA LYS C 170 19.64 30.89 -7.74
C LYS C 170 20.35 29.57 -7.95
N MET C 171 21.38 29.55 -8.81
CA MET C 171 22.15 28.35 -9.05
C MET C 171 23.40 28.40 -8.17
N VAL C 172 23.65 27.33 -7.41
CA VAL C 172 24.76 27.34 -6.45
C VAL C 172 25.84 26.35 -6.86
N ILE C 173 27.09 26.76 -6.71
CA ILE C 173 28.23 25.95 -7.13
C ILE C 173 29.33 26.06 -6.08
N HIS C 174 30.20 25.06 -6.05
CA HIS C 174 31.34 25.08 -5.14
C HIS C 174 32.27 26.24 -5.44
N LYS C 175 33.04 26.60 -4.40
CA LYS C 175 33.83 27.83 -4.38
C LYS C 175 35.04 27.73 -5.30
N ASP C 176 35.66 26.55 -5.37
CA ASP C 176 36.78 26.35 -6.29
C ASP C 176 36.30 26.31 -7.73
N LEU C 177 35.12 25.75 -7.96
CA LEU C 177 34.64 25.46 -9.31
C LEU C 177 33.81 26.65 -9.76
N VAL C 178 34.43 27.58 -10.48
CA VAL C 178 33.72 28.77 -10.92
C VAL C 178 34.28 29.22 -12.26
N GLY C 179 33.40 29.73 -13.12
CA GLY C 179 33.77 30.17 -14.45
C GLY C 179 33.26 29.27 -15.55
N ILE C 185 26.81 33.39 -17.59
CA ILE C 185 25.68 33.22 -18.50
C ILE C 185 25.37 31.72 -18.60
N ASP C 186 26.33 30.88 -18.19
CA ASP C 186 26.13 29.47 -17.84
C ASP C 186 25.59 28.67 -19.03
N TYR C 187 26.42 28.49 -20.04
CA TYR C 187 25.82 27.99 -21.27
C TYR C 187 26.01 26.47 -21.19
N GLN C 188 25.99 25.78 -22.33
CA GLN C 188 26.14 24.32 -22.35
C GLN C 188 27.55 23.81 -22.06
N THR C 189 28.40 24.65 -21.44
CA THR C 189 29.71 24.22 -20.96
C THR C 189 29.62 23.05 -19.99
N LEU C 190 28.56 22.99 -19.19
CA LEU C 190 28.44 22.00 -18.12
C LEU C 190 28.42 20.59 -18.71
N PRO C 191 29.06 19.62 -18.05
CA PRO C 191 29.04 18.24 -18.54
C PRO C 191 27.69 17.61 -18.31
N ASP C 192 27.52 16.43 -18.90
CA ASP C 192 26.29 15.66 -18.76
C ASP C 192 26.17 15.11 -17.34
N GLU C 193 24.92 14.87 -16.92
CA GLU C 193 24.57 14.34 -15.60
C GLU C 193 25.14 15.19 -14.47
N SER C 194 25.10 16.52 -14.63
CA SER C 194 25.71 17.42 -13.67
C SER C 194 24.72 18.27 -12.87
N ILE C 195 23.58 18.63 -13.43
CA ILE C 195 22.60 19.42 -12.69
C ILE C 195 21.80 18.49 -11.81
N PHE C 196 21.82 18.75 -10.50
CA PHE C 196 21.03 17.97 -9.55
C PHE C 196 19.61 18.52 -9.50
N LEU C 197 18.63 17.65 -9.70
CA LEU C 197 17.23 18.05 -9.66
C LEU C 197 16.44 17.08 -8.79
N LEU C 198 15.45 17.62 -8.08
CA LEU C 198 14.49 16.80 -7.37
C LEU C 198 13.58 16.06 -8.34
N GLN C 199 12.87 15.07 -7.79
CA GLN C 199 11.88 14.33 -8.54
C GLN C 199 10.79 15.29 -9.04
N SER C 200 10.11 14.85 -10.10
CA SER C 200 8.96 15.59 -10.62
C SER C 200 7.80 15.62 -9.64
N GLU C 201 7.85 14.77 -8.60
CA GLU C 201 6.92 14.83 -7.49
C GLU C 201 6.91 16.23 -6.85
N HIS C 202 8.08 16.84 -6.72
CA HIS C 202 8.21 18.19 -6.20
C HIS C 202 8.11 19.20 -7.33
N SER C 203 7.33 20.26 -7.09
CA SER C 203 7.07 21.25 -8.14
C SER C 203 8.25 22.15 -8.42
N ILE C 204 9.26 22.16 -7.54
CA ILE C 204 10.41 23.04 -7.71
C ILE C 204 11.23 22.63 -8.93
N THR C 205 11.16 21.35 -9.32
CA THR C 205 11.86 20.89 -10.51
C THR C 205 11.29 21.54 -11.76
N GLY C 206 9.97 21.45 -11.95
CA GLY C 206 9.34 22.08 -13.10
C GLY C 206 9.43 23.59 -13.06
N HIS C 207 9.34 24.17 -11.86
CA HIS C 207 9.47 25.61 -11.72
C HIS C 207 10.84 26.10 -12.13
N ALA C 208 11.90 25.41 -11.68
CA ALA C 208 13.26 25.80 -12.04
C ALA C 208 13.53 25.56 -13.52
N ILE C 209 13.00 24.46 -14.07
CA ILE C 209 13.18 24.14 -15.49
C ILE C 209 12.57 25.24 -16.37
N THR C 210 11.32 25.62 -16.09
CA THR C 210 10.68 26.62 -16.93
C THR C 210 11.22 28.02 -16.67
N ALA C 211 11.57 28.34 -15.42
CA ALA C 211 12.02 29.69 -15.12
C ALA C 211 13.48 29.92 -15.48
N CYS C 212 14.25 28.86 -15.71
CA CYS C 212 15.65 29.01 -16.10
C CYS C 212 15.95 28.52 -17.51
N GLN C 213 14.94 28.10 -18.27
CA GLN C 213 15.05 27.64 -19.65
C GLN C 213 16.05 26.48 -19.79
N LEU C 214 15.77 25.41 -19.05
CA LEU C 214 16.58 24.19 -19.10
C LEU C 214 15.92 23.23 -20.09
N GLY C 215 16.44 23.19 -21.31
CA GLY C 215 15.87 22.34 -22.33
C GLY C 215 16.61 21.05 -22.57
N ASP C 216 17.81 20.91 -22.00
CA ASP C 216 18.65 19.75 -22.21
C ASP C 216 18.61 18.85 -20.99
N SER C 217 17.95 17.71 -21.13
CA SER C 217 17.82 16.78 -20.02
C SER C 217 19.11 16.01 -19.74
N ALA C 218 20.01 15.94 -20.72
CA ALA C 218 21.25 15.19 -20.57
C ALA C 218 22.16 15.78 -19.51
N LYS C 219 22.00 17.05 -19.18
CA LYS C 219 22.79 17.68 -18.14
C LYS C 219 22.23 17.43 -16.75
N VAL C 220 21.13 16.69 -16.63
CA VAL C 220 20.52 16.41 -15.33
C VAL C 220 21.11 15.12 -14.77
N ASN C 221 21.62 15.20 -13.55
CA ASN C 221 22.04 13.99 -12.84
C ASN C 221 20.82 13.16 -12.47
N PRO C 222 20.87 11.83 -12.65
CA PRO C 222 19.72 10.97 -12.40
C PRO C 222 19.53 10.61 -10.92
N PHE C 223 19.69 11.60 -10.04
CA PHE C 223 19.55 11.37 -8.61
C PHE C 223 18.13 10.96 -8.28
N ALA C 224 17.16 11.75 -8.74
CA ALA C 224 15.77 11.69 -8.28
C ALA C 224 15.71 11.85 -6.75
N ALA C 225 16.08 13.06 -6.30
CA ALA C 225 16.10 13.43 -4.90
C ALA C 225 14.74 13.90 -4.39
N THR C 226 14.64 13.98 -3.06
CA THR C 226 13.48 14.53 -2.37
C THR C 226 13.81 15.69 -1.43
N SER C 227 15.08 15.89 -1.08
CA SER C 227 15.48 16.90 -0.12
C SER C 227 16.53 17.82 -0.74
N LEU C 228 16.28 19.14 -0.67
CA LEU C 228 17.23 20.12 -1.16
C LEU C 228 18.50 20.15 -0.32
N HIS C 229 18.43 19.68 0.92
CA HIS C 229 19.62 19.65 1.77
C HIS C 229 20.60 18.58 1.29
N THR C 230 20.08 17.45 0.83
CA THR C 230 20.94 16.43 0.24
C THR C 230 21.65 16.96 -1.00
N LEU C 231 20.92 17.68 -1.86
CA LEU C 231 21.51 18.26 -3.06
C LEU C 231 22.55 19.32 -2.72
N VAL C 232 22.31 20.09 -1.64
CA VAL C 232 23.31 21.04 -1.16
C VAL C 232 24.58 20.31 -0.74
N GLN C 233 24.42 19.19 -0.03
CA GLN C 233 25.58 18.40 0.37
C GLN C 233 26.30 17.81 -0.85
N MET C 234 25.55 17.42 -1.89
CA MET C 234 26.19 16.89 -3.09
C MET C 234 26.97 17.97 -3.84
N VAL C 235 26.41 19.17 -3.95
CA VAL C 235 27.13 20.26 -4.62
C VAL C 235 28.35 20.69 -3.80
N ASN C 236 28.24 20.65 -2.47
CA ASN C 236 29.37 21.02 -1.63
C ASN C 236 30.51 19.99 -1.69
N SER C 237 30.23 18.80 -2.20
CA SER C 237 31.24 17.77 -2.41
C SER C 237 31.81 17.78 -3.82
N LYS C 238 31.64 18.90 -4.55
CA LYS C 238 32.09 19.09 -5.93
C LYS C 238 31.57 17.99 -6.85
N LEU C 239 30.24 17.87 -6.90
CA LEU C 239 29.61 16.86 -7.72
C LEU C 239 28.63 17.41 -8.75
N GLY C 240 28.43 18.71 -8.82
CA GLY C 240 27.60 19.29 -9.85
C GLY C 240 26.98 20.60 -9.40
N THR C 241 25.95 21.02 -10.14
CA THR C 241 25.14 22.19 -9.83
C THR C 241 23.79 21.78 -9.29
N THR C 242 23.11 22.78 -8.71
CA THR C 242 21.69 22.67 -8.41
C THR C 242 21.09 24.06 -8.33
N PHE C 243 19.78 24.10 -8.51
CA PHE C 243 18.96 25.29 -8.30
C PHE C 243 18.45 25.31 -6.87
N LEU C 244 18.35 26.51 -6.30
CA LEU C 244 17.90 26.70 -4.95
C LEU C 244 16.93 27.88 -4.91
N PRO C 245 15.88 27.79 -4.11
CA PRO C 245 15.03 28.96 -3.88
C PRO C 245 15.71 29.95 -2.93
N GLN C 246 15.38 31.24 -3.13
CA GLN C 246 16.02 32.29 -2.34
C GLN C 246 15.66 32.20 -0.86
N MET C 247 14.48 31.65 -0.53
CA MET C 247 14.10 31.50 0.87
C MET C 247 14.99 30.49 1.59
N ALA C 248 15.56 29.53 0.86
CA ALA C 248 16.50 28.59 1.48
C ALA C 248 17.82 29.26 1.80
N ILE C 249 18.33 30.08 0.88
CA ILE C 249 19.57 30.83 1.10
C ILE C 249 19.38 31.84 2.23
N ASP C 250 18.20 32.45 2.31
CA ASP C 250 17.91 33.42 3.36
C ASP C 250 17.84 32.78 4.73
N ALA C 251 17.41 31.52 4.81
CA ALA C 251 17.36 30.77 6.06
C ALA C 251 18.70 30.13 6.42
N GLY C 252 19.72 30.29 5.58
CA GLY C 252 21.06 29.82 5.92
C GLY C 252 21.36 28.40 5.48
N ILE C 253 20.89 28.01 4.30
CA ILE C 253 21.16 26.65 3.82
C ILE C 253 22.57 26.52 3.27
N LEU C 254 23.23 27.62 2.91
CA LEU C 254 24.61 27.61 2.47
C LEU C 254 25.61 27.83 3.59
N ASN C 255 25.13 28.01 4.83
CA ASN C 255 26.02 28.18 5.97
C ASN C 255 26.80 26.90 6.21
N ASP C 256 28.06 27.07 6.61
CA ASP C 256 29.01 25.97 6.83
C ASP C 256 29.20 25.12 5.58
N THR C 257 29.04 25.73 4.41
CA THR C 257 29.37 25.13 3.13
C THR C 257 30.36 26.02 2.40
N ASP C 258 30.77 25.59 1.21
CA ASP C 258 31.69 26.33 0.36
C ASP C 258 31.03 26.67 -0.97
N LEU C 259 29.77 27.09 -0.92
CA LEU C 259 28.97 27.33 -2.11
C LEU C 259 28.82 28.83 -2.35
N VAL C 260 28.76 29.19 -3.62
CA VAL C 260 28.55 30.56 -4.07
C VAL C 260 27.32 30.59 -4.96
N VAL C 261 26.67 31.77 -4.98
CA VAL C 261 25.40 32.00 -5.65
C VAL C 261 25.65 32.58 -7.03
N MET C 262 24.93 32.07 -8.03
CA MET C 262 25.03 32.50 -9.40
C MET C 262 23.63 32.77 -9.94
N THR C 263 23.54 33.77 -10.80
CA THR C 263 22.27 34.12 -11.42
C THR C 263 21.99 33.16 -12.57
N PRO C 264 20.88 32.43 -12.54
CA PRO C 264 20.57 31.50 -13.61
C PRO C 264 20.10 32.24 -14.85
N PRO C 265 20.24 31.64 -16.03
CA PRO C 265 19.81 32.34 -17.27
C PRO C 265 18.31 32.20 -17.54
N GLY C 266 17.53 33.06 -16.89
CA GLY C 266 16.10 33.09 -17.12
C GLY C 266 15.60 34.52 -17.27
N GLU C 267 14.58 34.68 -18.10
CA GLU C 267 13.93 35.99 -18.21
C GLU C 267 13.15 36.30 -16.94
N ALA C 268 12.48 35.29 -16.37
CA ALA C 268 11.77 35.41 -15.10
C ALA C 268 12.27 34.32 -14.17
N PRO C 269 13.48 34.48 -13.62
CA PRO C 269 14.08 33.41 -12.78
C PRO C 269 13.60 33.48 -11.33
N TYR C 270 12.30 33.28 -11.14
CA TYR C 270 11.72 33.30 -9.81
C TYR C 270 10.54 32.35 -9.77
N ARG C 271 10.11 32.03 -8.56
CA ARG C 271 8.96 31.18 -8.32
C ARG C 271 7.96 31.96 -7.47
N ASP C 272 6.69 31.85 -7.82
CA ASP C 272 5.64 32.49 -7.03
C ASP C 272 5.26 31.60 -5.84
N ILE C 273 4.75 32.24 -4.78
CA ILE C 273 4.26 31.58 -3.58
C ILE C 273 2.78 31.94 -3.43
N GLY C 274 2.00 31.02 -2.88
CA GLY C 274 0.57 31.26 -2.80
C GLY C 274 -0.10 30.42 -1.74
N LEU C 275 -1.34 30.83 -1.42
CA LEU C 275 -2.23 30.07 -0.55
C LEU C 275 -3.40 29.53 -1.35
N VAL C 276 -3.75 28.28 -1.12
CA VAL C 276 -4.82 27.61 -1.85
C VAL C 276 -5.83 27.09 -0.84
N TRP C 277 -7.11 27.34 -1.11
CA TRP C 277 -8.19 26.81 -0.28
C TRP C 277 -9.41 26.57 -1.15
N ARG C 278 -10.39 25.89 -0.58
CA ARG C 278 -11.63 25.58 -1.29
C ARG C 278 -12.44 26.84 -1.52
N GLN C 279 -13.02 26.94 -2.72
CA GLN C 279 -13.84 28.11 -3.08
C GLN C 279 -15.07 28.28 -2.20
N THR C 280 -15.55 27.21 -1.58
CA THR C 280 -16.77 27.23 -0.78
C THR C 280 -16.50 27.41 0.70
N THR C 281 -15.39 28.08 1.06
CA THR C 281 -14.99 28.20 2.45
C THR C 281 -15.74 29.34 3.14
N SER C 282 -15.89 29.20 4.46
CA SER C 282 -16.47 30.26 5.27
C SER C 282 -15.43 31.06 6.05
N ARG C 283 -14.19 30.58 6.12
CA ARG C 283 -13.13 31.24 6.86
C ARG C 283 -12.33 32.18 5.96
N ILE C 284 -13.06 33.09 5.30
CA ILE C 284 -12.44 33.98 4.32
C ILE C 284 -11.50 34.98 5.01
N LEU C 285 -11.89 35.46 6.21
CA LEU C 285 -11.08 36.44 6.91
C LEU C 285 -9.84 35.81 7.49
N THR C 286 -9.95 34.61 8.03
CA THR C 286 -8.80 33.89 8.58
C THR C 286 -7.76 33.62 7.49
N PHE C 287 -8.21 33.15 6.33
CA PHE C 287 -7.29 32.80 5.25
C PHE C 287 -6.64 34.05 4.67
N ARG C 288 -7.39 35.15 4.51
CA ARG C 288 -6.73 36.39 4.08
C ARG C 288 -5.78 36.94 5.14
N THR C 289 -6.09 36.75 6.42
CA THR C 289 -5.19 37.18 7.48
C THR C 289 -3.87 36.43 7.43
N LEU C 290 -3.94 35.10 7.28
CA LEU C 290 -2.72 34.31 7.17
C LEU C 290 -1.96 34.64 5.89
N GLY C 291 -2.68 34.94 4.80
CA GLY C 291 -2.01 35.35 3.58
C GLY C 291 -1.24 36.63 3.72
N LEU C 292 -1.83 37.63 4.39
CA LEU C 292 -1.10 38.86 4.68
C LEU C 292 0.08 38.60 5.59
N LEU C 293 -0.07 37.69 6.56
CA LEU C 293 1.02 37.36 7.48
C LEU C 293 2.20 36.74 6.74
N ILE C 294 1.92 35.77 5.88
CA ILE C 294 2.96 35.11 5.08
C ILE C 294 3.58 36.11 4.12
N GLN C 295 2.77 36.96 3.51
CA GLN C 295 3.27 37.96 2.57
C GLN C 295 4.23 38.93 3.25
N LYS C 296 3.90 39.37 4.47
CA LYS C 296 4.82 40.21 5.22
C LYS C 296 6.08 39.43 5.59
N LEU C 297 5.93 38.14 5.90
CA LEU C 297 7.10 37.31 6.23
C LEU C 297 8.02 37.14 5.03
N LEU C 298 7.46 36.96 3.84
CA LEU C 298 8.24 36.79 2.63
C LEU C 298 8.75 38.12 2.10
N GLU D 91 14.97 -31.97 -11.29
CA GLU D 91 15.61 -32.68 -10.19
C GLU D 91 14.80 -32.54 -8.88
N PRO D 92 13.91 -33.50 -8.66
CA PRO D 92 12.80 -33.28 -7.72
C PRO D 92 13.22 -33.33 -6.27
N MET D 93 12.40 -32.65 -5.45
CA MET D 93 12.55 -32.57 -3.99
C MET D 93 13.92 -32.07 -3.57
N THR D 94 14.46 -31.13 -4.35
CA THR D 94 15.69 -30.43 -4.04
C THR D 94 15.48 -28.95 -4.37
N GLY D 95 16.26 -28.10 -3.72
CA GLY D 95 16.21 -26.67 -4.00
C GLY D 95 15.06 -25.97 -3.29
N ASP D 96 15.04 -24.66 -3.46
CA ASP D 96 14.03 -23.82 -2.81
C ASP D 96 12.68 -23.98 -3.49
N ILE D 97 11.66 -24.29 -2.71
CA ILE D 97 10.29 -24.39 -3.20
C ILE D 97 9.41 -23.47 -2.36
N ARG D 98 8.55 -22.72 -3.02
CA ARG D 98 7.73 -21.69 -2.38
C ARG D 98 6.29 -22.20 -2.35
N LEU D 99 5.88 -22.67 -1.17
CA LEU D 99 4.60 -23.34 -0.99
C LEU D 99 3.69 -22.44 -0.17
N GLY D 100 2.51 -22.13 -0.70
CA GLY D 100 1.51 -21.37 0.00
C GLY D 100 0.38 -22.24 0.53
N CYS D 101 -0.29 -21.75 1.56
CA CYS D 101 -1.37 -22.50 2.19
C CYS D 101 -2.33 -21.54 2.87
N ILE D 102 -3.61 -21.90 2.87
CA ILE D 102 -4.66 -21.04 3.44
C ILE D 102 -4.75 -21.29 4.94
N PRO D 103 -5.16 -20.30 5.75
CA PRO D 103 -5.17 -20.49 7.21
C PRO D 103 -6.20 -21.48 7.73
N THR D 104 -7.10 -21.98 6.88
CA THR D 104 -8.01 -23.05 7.29
C THR D 104 -7.43 -24.44 7.02
N ILE D 105 -6.22 -24.53 6.46
CA ILE D 105 -5.54 -25.80 6.23
C ILE D 105 -4.20 -25.85 6.95
N ALA D 106 -3.44 -24.75 6.91
CA ALA D 106 -2.06 -24.70 7.42
C ALA D 106 -1.85 -25.20 8.85
N PRO D 107 -2.60 -24.76 9.88
CA PRO D 107 -2.26 -25.18 11.25
C PRO D 107 -2.54 -26.65 11.53
N PHE D 108 -3.09 -27.39 10.57
CA PHE D 108 -3.47 -28.77 10.79
C PHE D 108 -2.65 -29.78 10.00
N LEU D 109 -2.19 -29.45 8.79
CA LEU D 109 -1.29 -30.35 8.09
C LEU D 109 0.10 -29.80 7.82
N LEU D 110 0.31 -28.47 7.85
CA LEU D 110 1.51 -27.93 7.24
C LEU D 110 2.76 -28.31 8.04
N SER D 111 2.64 -28.37 9.36
CA SER D 111 3.76 -28.80 10.20
C SER D 111 4.16 -30.24 9.93
N ARG D 112 3.17 -31.12 9.76
CA ARG D 112 3.47 -32.51 9.42
C ARG D 112 4.10 -32.62 8.04
N VAL D 113 3.63 -31.82 7.08
CA VAL D 113 4.18 -31.84 5.74
C VAL D 113 5.65 -31.41 5.76
N VAL D 114 5.94 -30.33 6.49
CA VAL D 114 7.31 -29.85 6.59
C VAL D 114 8.20 -30.84 7.32
N LYS D 115 7.66 -31.50 8.36
CA LYS D 115 8.45 -32.49 9.09
C LYS D 115 8.79 -33.69 8.22
N GLN D 116 7.79 -34.23 7.50
CA GLN D 116 8.02 -35.39 6.64
C GLN D 116 8.96 -35.04 5.48
N CYS D 117 8.83 -33.83 4.92
CA CYS D 117 9.71 -33.42 3.82
C CYS D 117 11.12 -33.15 4.30
N GLN D 118 11.28 -32.56 5.48
CA GLN D 118 12.58 -32.37 6.10
C GLN D 118 13.29 -33.71 6.36
N GLN D 119 12.52 -34.74 6.77
CA GLN D 119 13.05 -36.07 7.12
C GLN D 119 13.36 -36.92 5.91
N ALA D 120 12.52 -36.89 4.89
CA ALA D 120 12.73 -37.69 3.70
C ALA D 120 13.48 -36.95 2.62
N TYR D 121 13.40 -35.61 2.55
CA TYR D 121 14.04 -34.85 1.47
C TYR D 121 14.83 -33.67 2.04
N PRO D 122 16.00 -33.94 2.62
CA PRO D 122 16.72 -32.87 3.34
C PRO D 122 17.33 -31.80 2.45
N GLU D 123 17.44 -32.03 1.14
CA GLU D 123 17.98 -31.05 0.21
C GLU D 123 16.90 -30.12 -0.33
N MET D 124 15.69 -30.21 0.18
CA MET D 124 14.57 -29.39 -0.23
C MET D 124 14.30 -28.32 0.83
N SER D 125 14.21 -27.07 0.41
CA SER D 125 13.89 -25.96 1.30
C SER D 125 12.49 -25.47 0.98
N LEU D 126 11.57 -25.65 1.92
CA LEU D 126 10.19 -25.20 1.78
C LEU D 126 10.11 -23.75 2.23
N LEU D 127 9.99 -22.82 1.28
CA LEU D 127 9.83 -21.40 1.56
C LEU D 127 8.34 -21.14 1.75
N LEU D 128 7.91 -21.19 3.01
CA LEU D 128 6.49 -21.26 3.33
C LEU D 128 5.85 -19.87 3.35
N LYS D 129 4.52 -19.86 3.19
CA LYS D 129 3.72 -18.64 3.29
C LYS D 129 2.29 -19.03 3.60
N GLU D 130 1.72 -18.41 4.65
CA GLU D 130 0.33 -18.62 5.03
C GLU D 130 -0.46 -17.36 4.69
N ASP D 131 -1.47 -17.50 3.84
CA ASP D 131 -2.27 -16.36 3.40
C ASP D 131 -3.56 -16.86 2.79
N THR D 132 -4.44 -15.92 2.45
CA THR D 132 -5.74 -16.28 1.90
C THR D 132 -5.62 -16.62 0.41
N THR D 133 -6.76 -17.06 -0.15
CA THR D 133 -6.77 -17.74 -1.45
C THR D 133 -6.45 -16.79 -2.60
N GLU D 134 -7.10 -15.62 -2.61
CA GLU D 134 -6.89 -14.67 -3.70
C GLU D 134 -5.45 -14.16 -3.73
N ARG D 135 -4.90 -13.88 -2.54
CA ARG D 135 -3.51 -13.43 -2.48
C ARG D 135 -2.54 -14.54 -2.86
N LEU D 136 -2.87 -15.80 -2.53
CA LEU D 136 -2.02 -16.91 -2.98
C LEU D 136 -2.04 -17.05 -4.50
N LEU D 137 -3.22 -16.94 -5.12
CA LEU D 137 -3.29 -17.03 -6.58
C LEU D 137 -2.57 -15.86 -7.25
N ASP D 138 -2.67 -14.67 -6.66
CA ASP D 138 -1.91 -13.53 -7.17
C ASP D 138 -0.42 -13.75 -7.04
N ALA D 139 0.03 -14.27 -5.90
CA ALA D 139 1.46 -14.54 -5.72
C ALA D 139 1.94 -15.65 -6.64
N LEU D 140 1.06 -16.59 -6.98
CA LEU D 140 1.43 -17.63 -7.93
C LEU D 140 1.52 -17.07 -9.35
N GLY D 141 0.68 -16.10 -9.69
CA GLY D 141 0.77 -15.48 -10.99
C GLY D 141 1.90 -14.49 -11.17
N LYS D 142 2.55 -14.09 -10.09
CA LYS D 142 3.63 -13.10 -10.15
C LYS D 142 5.00 -13.70 -9.90
N GLY D 143 5.09 -15.02 -9.75
CA GLY D 143 6.34 -15.69 -9.46
C GLY D 143 6.74 -15.71 -8.00
N GLU D 144 5.92 -15.14 -7.11
CA GLU D 144 6.24 -15.10 -5.69
C GLU D 144 6.20 -16.49 -5.07
N LEU D 145 5.30 -17.35 -5.53
CA LEU D 145 5.17 -18.71 -5.03
C LEU D 145 5.14 -19.68 -6.20
N ASP D 146 5.32 -20.96 -5.88
CA ASP D 146 5.31 -22.02 -6.87
C ASP D 146 4.25 -23.08 -6.64
N LEU D 147 3.61 -23.10 -5.47
CA LEU D 147 2.63 -24.15 -5.15
C LEU D 147 1.68 -23.64 -4.07
N LEU D 148 0.41 -24.05 -4.17
CA LEU D 148 -0.65 -23.58 -3.30
C LEU D 148 -1.50 -24.75 -2.85
N ILE D 149 -1.94 -24.71 -1.59
CA ILE D 149 -2.84 -25.71 -1.02
C ILE D 149 -4.21 -25.06 -0.85
N LEU D 150 -5.15 -25.39 -1.73
CA LEU D 150 -6.46 -24.73 -1.78
C LEU D 150 -7.58 -25.75 -1.71
N ALA D 151 -8.81 -25.35 -2.06
CA ALA D 151 -9.97 -26.23 -2.04
C ALA D 151 -10.47 -26.50 -3.47
N LEU D 152 -11.61 -27.21 -3.58
CA LEU D 152 -12.10 -27.57 -4.91
C LEU D 152 -12.78 -26.39 -5.62
N PRO D 153 -13.81 -25.74 -5.08
CA PRO D 153 -14.54 -24.75 -5.89
C PRO D 153 -13.83 -23.41 -6.07
N VAL D 154 -12.55 -23.33 -5.69
CA VAL D 154 -11.74 -22.16 -5.99
C VAL D 154 -11.60 -22.04 -7.49
N ASP D 155 -11.81 -20.84 -8.02
CA ASP D 155 -11.60 -20.59 -9.44
C ASP D 155 -10.12 -20.63 -9.78
N THR D 156 -9.74 -21.53 -10.68
CA THR D 156 -8.34 -21.75 -11.03
C THR D 156 -8.11 -21.58 -12.53
N SER D 157 -8.64 -20.51 -13.10
CA SER D 157 -8.57 -20.31 -14.55
C SER D 157 -7.13 -20.11 -15.00
N GLY D 158 -6.70 -20.92 -15.96
CA GLY D 158 -5.31 -20.93 -16.39
C GLY D 158 -4.35 -21.49 -15.37
N TYR D 159 -4.74 -22.57 -14.68
CA TYR D 159 -3.88 -23.16 -13.67
C TYR D 159 -4.11 -24.66 -13.64
N HIS D 160 -3.10 -25.37 -13.12
CA HIS D 160 -3.17 -26.82 -12.97
C HIS D 160 -3.65 -27.14 -11.56
N SER D 161 -4.73 -27.91 -11.47
CA SER D 161 -5.35 -28.24 -10.19
C SER D 161 -5.50 -29.74 -10.07
N MET D 162 -5.33 -30.26 -8.86
CA MET D 162 -5.43 -31.69 -8.61
C MET D 162 -5.98 -31.92 -7.21
N LYS D 163 -7.15 -32.55 -7.13
CA LYS D 163 -7.75 -32.85 -5.84
C LYS D 163 -6.98 -33.95 -5.13
N VAL D 164 -6.73 -33.76 -3.84
CA VAL D 164 -5.88 -34.66 -3.06
C VAL D 164 -6.60 -35.25 -1.86
N GLY D 165 -7.91 -35.05 -1.76
CA GLY D 165 -8.65 -35.63 -0.64
C GLY D 165 -9.77 -34.74 -0.11
N ILE D 166 -10.56 -35.25 0.82
CA ILE D 166 -11.72 -34.53 1.34
C ILE D 166 -11.65 -34.47 2.85
N ASP D 167 -12.45 -33.57 3.42
CA ASP D 167 -12.71 -33.50 4.85
C ASP D 167 -14.09 -32.90 5.08
N PRO D 168 -14.96 -33.60 5.81
CA PRO D 168 -16.35 -33.12 5.97
C PRO D 168 -16.46 -31.87 6.83
N PHE D 169 -17.57 -31.15 6.63
CA PHE D 169 -17.95 -30.01 7.47
C PHE D 169 -18.77 -30.50 8.66
N LYS D 170 -18.49 -29.95 9.85
CA LYS D 170 -19.24 -30.28 11.06
C LYS D 170 -19.63 -29.04 11.84
N MET D 171 -20.91 -28.95 12.19
CA MET D 171 -21.34 -27.91 13.11
C MET D 171 -21.00 -28.29 14.54
N VAL D 172 -20.64 -27.28 15.33
CA VAL D 172 -20.31 -27.49 16.73
C VAL D 172 -21.19 -26.60 17.60
N ILE D 173 -21.38 -27.03 18.84
CA ILE D 173 -22.25 -26.34 19.80
C ILE D 173 -21.82 -26.81 21.19
N HIS D 174 -22.19 -26.03 22.20
CA HIS D 174 -21.91 -26.35 23.59
C HIS D 174 -22.80 -27.51 24.07
N LYS D 175 -22.75 -27.78 25.38
CA LYS D 175 -23.52 -28.86 25.98
C LYS D 175 -25.03 -28.65 25.88
N ASP D 176 -25.48 -27.41 25.79
CA ASP D 176 -26.90 -27.13 25.60
C ASP D 176 -27.27 -27.26 24.13
N LEU D 177 -28.44 -27.83 23.88
CA LEU D 177 -28.98 -28.05 22.53
C LEU D 177 -28.03 -28.85 21.63
N THR D 189 -36.47 -23.54 15.90
CA THR D 189 -35.51 -24.06 14.92
C THR D 189 -34.12 -23.51 15.18
N LEU D 190 -33.81 -22.38 14.54
CA LEU D 190 -32.48 -21.81 14.61
C LEU D 190 -32.61 -20.34 14.98
N PRO D 191 -31.84 -19.86 15.97
CA PRO D 191 -31.97 -18.46 16.37
C PRO D 191 -31.42 -17.54 15.30
N ASP D 192 -31.81 -16.28 15.44
CA ASP D 192 -31.48 -15.26 14.45
C ASP D 192 -30.13 -14.62 14.80
N GLU D 193 -29.24 -14.58 13.80
CA GLU D 193 -27.80 -14.25 13.94
C GLU D 193 -27.09 -15.22 14.89
N SER D 194 -27.13 -16.50 14.52
CA SER D 194 -26.57 -17.56 15.36
C SER D 194 -25.32 -18.23 14.79
N ILE D 195 -25.21 -18.37 13.47
CA ILE D 195 -24.12 -19.13 12.87
C ILE D 195 -22.92 -18.21 12.66
N PHE D 196 -21.74 -18.66 13.08
CA PHE D 196 -20.50 -17.91 12.92
C PHE D 196 -19.81 -18.34 11.63
N LEU D 197 -19.55 -17.38 10.75
CA LEU D 197 -18.79 -17.59 9.53
C LEU D 197 -17.55 -16.70 9.53
N LEU D 198 -16.59 -17.03 8.68
CA LEU D 198 -15.39 -16.22 8.53
C LEU D 198 -15.64 -15.10 7.52
N GLN D 199 -14.59 -14.33 7.25
CA GLN D 199 -14.68 -13.31 6.20
C GLN D 199 -14.81 -13.98 4.83
N SER D 200 -15.33 -13.22 3.86
CA SER D 200 -15.53 -13.75 2.52
C SER D 200 -14.22 -13.99 1.78
N GLU D 201 -13.11 -13.45 2.27
CA GLU D 201 -11.80 -13.83 1.74
C GLU D 201 -11.51 -15.30 1.99
N HIS D 202 -11.96 -15.82 3.14
CA HIS D 202 -11.76 -17.22 3.47
C HIS D 202 -12.75 -18.07 2.67
N SER D 203 -12.21 -19.02 1.90
CA SER D 203 -13.05 -19.80 1.00
C SER D 203 -13.94 -20.79 1.73
N ILE D 204 -13.62 -21.11 3.00
CA ILE D 204 -14.40 -22.05 3.79
C ILE D 204 -15.82 -21.52 4.02
N THR D 205 -16.01 -20.20 3.95
CA THR D 205 -17.34 -19.60 4.05
C THR D 205 -18.22 -20.04 2.89
N GLY D 206 -17.72 -19.84 1.65
CA GLY D 206 -18.50 -20.24 0.49
C GLY D 206 -18.66 -21.74 0.39
N HIS D 207 -17.62 -22.49 0.75
CA HIS D 207 -17.74 -23.95 0.72
C HIS D 207 -18.65 -24.48 1.83
N ALA D 208 -18.92 -23.69 2.86
CA ALA D 208 -19.89 -24.10 3.87
C ALA D 208 -21.31 -23.80 3.42
N ILE D 209 -21.54 -22.60 2.87
CA ILE D 209 -22.89 -22.24 2.40
C ILE D 209 -23.32 -23.12 1.22
N THR D 210 -22.44 -23.33 0.24
CA THR D 210 -22.84 -24.11 -0.92
C THR D 210 -23.03 -25.58 -0.61
N ALA D 211 -22.29 -26.13 0.36
CA ALA D 211 -22.41 -27.54 0.66
C ALA D 211 -23.51 -27.85 1.67
N CYS D 212 -23.64 -27.05 2.71
CA CYS D 212 -24.54 -27.39 3.81
C CYS D 212 -25.93 -26.75 3.68
N GLN D 213 -26.23 -26.17 2.52
CA GLN D 213 -27.57 -25.66 2.17
C GLN D 213 -28.05 -24.59 3.15
N LEU D 214 -27.34 -23.47 3.16
CA LEU D 214 -27.70 -22.31 3.96
C LEU D 214 -28.10 -21.19 3.00
N GLY D 215 -29.42 -21.04 2.80
CA GLY D 215 -29.92 -20.00 1.93
C GLY D 215 -30.34 -18.75 2.68
N ASP D 216 -30.53 -18.87 4.00
CA ASP D 216 -30.99 -17.76 4.83
C ASP D 216 -29.80 -16.97 5.32
N SER D 217 -29.61 -15.76 4.78
CA SER D 217 -28.51 -14.91 5.20
C SER D 217 -28.77 -14.24 6.54
N ALA D 218 -30.00 -14.31 7.06
CA ALA D 218 -30.30 -13.79 8.39
C ALA D 218 -29.81 -14.68 9.51
N LYS D 219 -29.36 -15.90 9.20
CA LYS D 219 -28.92 -16.83 10.22
C LYS D 219 -27.45 -16.70 10.57
N VAL D 220 -26.69 -15.85 9.89
CA VAL D 220 -25.26 -15.73 10.11
C VAL D 220 -25.00 -14.48 10.97
N ASN D 221 -24.07 -14.62 11.91
CA ASN D 221 -23.65 -13.51 12.74
C ASN D 221 -22.93 -12.45 11.89
N PRO D 222 -23.05 -11.18 12.24
CA PRO D 222 -22.24 -10.15 11.57
C PRO D 222 -20.80 -10.05 12.06
N PHE D 223 -20.33 -11.04 12.83
CA PHE D 223 -18.94 -11.08 13.26
C PHE D 223 -18.00 -11.15 12.05
N ALA D 224 -18.09 -12.26 11.30
CA ALA D 224 -17.29 -12.46 10.07
C ALA D 224 -15.79 -12.34 10.37
N ALA D 225 -15.31 -13.34 11.12
CA ALA D 225 -13.93 -13.34 11.63
C ALA D 225 -12.94 -13.77 10.56
N THR D 226 -11.69 -14.01 10.97
CA THR D 226 -10.68 -14.61 10.11
C THR D 226 -10.07 -15.89 10.68
N SER D 227 -10.26 -16.18 11.97
CA SER D 227 -9.68 -17.33 12.63
C SER D 227 -10.77 -18.25 13.14
N LEU D 228 -10.64 -19.54 12.84
CA LEU D 228 -11.61 -20.51 13.34
C LEU D 228 -11.44 -20.79 14.82
N HIS D 229 -10.25 -20.53 15.37
CA HIS D 229 -10.06 -20.69 16.81
C HIS D 229 -10.90 -19.69 17.58
N THR D 230 -10.98 -18.45 17.07
CA THR D 230 -11.87 -17.45 17.66
C THR D 230 -13.32 -17.90 17.61
N LEU D 231 -13.75 -18.48 16.48
CA LEU D 231 -15.12 -18.95 16.37
C LEU D 231 -15.39 -20.10 17.33
N VAL D 232 -14.40 -20.97 17.54
CA VAL D 232 -14.54 -22.06 18.50
C VAL D 232 -14.69 -21.51 19.91
N GLN D 233 -13.91 -20.47 20.24
CA GLN D 233 -14.04 -19.85 21.56
C GLN D 233 -15.39 -19.16 21.71
N MET D 234 -15.92 -18.58 20.64
CA MET D 234 -17.25 -17.97 20.70
C MET D 234 -18.32 -19.02 20.94
N VAL D 235 -18.24 -20.16 20.24
CA VAL D 235 -19.24 -21.21 20.41
C VAL D 235 -19.14 -21.84 21.80
N ASN D 236 -17.92 -21.97 22.33
CA ASN D 236 -17.76 -22.48 23.69
C ASN D 236 -18.31 -21.53 24.74
N SER D 237 -18.42 -20.24 24.44
CA SER D 237 -19.01 -19.26 25.35
C SER D 237 -20.52 -19.18 25.24
N LYS D 238 -21.17 -20.19 24.65
CA LYS D 238 -22.62 -20.26 24.46
C LYS D 238 -23.15 -19.06 23.67
N LEU D 239 -22.37 -18.61 22.69
CA LEU D 239 -22.72 -17.45 21.89
C LEU D 239 -23.17 -17.78 20.48
N GLY D 240 -23.16 -19.03 20.07
CA GLY D 240 -23.60 -19.35 18.72
C GLY D 240 -23.06 -20.69 18.25
N THR D 241 -23.07 -20.86 16.93
CA THR D 241 -22.76 -22.10 16.24
C THR D 241 -21.78 -21.80 15.12
N THR D 242 -20.85 -22.72 14.84
CA THR D 242 -20.02 -22.56 13.67
C THR D 242 -19.73 -23.93 13.04
N PHE D 243 -19.44 -23.89 11.74
CA PHE D 243 -18.88 -25.01 11.00
C PHE D 243 -17.40 -25.16 11.32
N LEU D 244 -16.89 -26.37 11.11
CA LEU D 244 -15.50 -26.69 11.33
C LEU D 244 -15.07 -27.74 10.32
N PRO D 245 -13.89 -27.61 9.73
CA PRO D 245 -13.35 -28.69 8.90
C PRO D 245 -12.93 -29.88 9.73
N GLN D 246 -12.93 -31.05 9.09
CA GLN D 246 -12.59 -32.28 9.79
C GLN D 246 -11.13 -32.29 10.23
N MET D 247 -10.24 -31.70 9.44
CA MET D 247 -8.84 -31.61 9.80
C MET D 247 -8.62 -30.73 11.04
N ALA D 248 -9.56 -29.82 11.33
CA ALA D 248 -9.47 -29.06 12.57
C ALA D 248 -9.80 -29.94 13.77
N ILE D 249 -10.88 -30.71 13.68
CA ILE D 249 -11.34 -31.54 14.79
C ILE D 249 -10.37 -32.70 15.03
N ASP D 250 -9.80 -33.26 13.96
CA ASP D 250 -8.82 -34.33 14.11
C ASP D 250 -7.54 -33.83 14.75
N ALA D 251 -7.22 -32.55 14.60
CA ALA D 251 -6.02 -31.97 15.20
C ALA D 251 -6.23 -31.57 16.65
N GLY D 252 -7.43 -31.73 17.19
CA GLY D 252 -7.68 -31.39 18.58
C GLY D 252 -8.13 -29.97 18.81
N ILE D 253 -8.83 -29.36 17.84
CA ILE D 253 -9.31 -27.98 18.04
C ILE D 253 -10.44 -27.94 19.07
N LEU D 254 -11.17 -29.05 19.27
CA LEU D 254 -12.27 -29.12 20.22
C LEU D 254 -11.83 -29.54 21.60
N ASN D 255 -10.54 -29.81 21.80
CA ASN D 255 -10.03 -30.07 23.14
C ASN D 255 -10.06 -28.78 23.96
N ASP D 256 -10.14 -28.94 25.29
CA ASP D 256 -10.29 -27.89 26.29
C ASP D 256 -11.60 -27.12 26.18
N THR D 257 -12.52 -27.57 25.33
CA THR D 257 -13.83 -26.97 25.18
C THR D 257 -14.90 -28.00 25.57
N ASP D 258 -16.15 -27.65 25.34
CA ASP D 258 -17.29 -28.52 25.61
C ASP D 258 -18.18 -28.63 24.40
N LEU D 259 -17.58 -28.72 23.21
CA LEU D 259 -18.33 -28.68 21.97
C LEU D 259 -18.63 -30.09 21.46
N VAL D 260 -19.69 -30.17 20.65
CA VAL D 260 -20.24 -31.44 20.18
C VAL D 260 -20.32 -31.40 18.66
N VAL D 261 -19.77 -32.44 18.02
CA VAL D 261 -19.98 -32.68 16.61
C VAL D 261 -21.46 -32.93 16.37
N MET D 262 -22.08 -32.09 15.54
CA MET D 262 -23.41 -32.39 15.05
C MET D 262 -23.36 -32.65 13.55
N THR D 263 -24.49 -33.07 13.02
CA THR D 263 -24.44 -33.61 11.68
C THR D 263 -25.18 -32.67 10.73
N PRO D 264 -24.47 -31.90 9.89
CA PRO D 264 -25.11 -30.80 9.11
C PRO D 264 -26.09 -31.32 8.07
N PRO D 265 -27.29 -30.75 8.02
CA PRO D 265 -28.32 -31.20 7.05
C PRO D 265 -28.14 -30.60 5.66
N GLY D 266 -27.26 -31.23 4.88
CA GLY D 266 -27.05 -30.81 3.50
C GLY D 266 -26.49 -31.94 2.67
N GLU D 267 -26.64 -31.81 1.36
CA GLU D 267 -26.11 -32.80 0.42
C GLU D 267 -24.61 -32.58 0.23
N ALA D 268 -23.84 -33.67 0.39
CA ALA D 268 -22.38 -33.70 0.28
C ALA D 268 -21.72 -32.59 1.10
N PRO D 269 -21.81 -32.63 2.44
CA PRO D 269 -21.34 -31.50 3.25
C PRO D 269 -19.86 -31.59 3.60
N TYR D 270 -19.02 -31.68 2.56
CA TYR D 270 -17.58 -31.78 2.74
C TYR D 270 -16.89 -30.60 2.08
N ARG D 271 -15.60 -30.50 2.35
CA ARG D 271 -14.69 -29.65 1.59
C ARG D 271 -13.67 -30.58 0.92
N ASP D 272 -13.17 -30.16 -0.24
CA ASP D 272 -12.31 -31.01 -1.06
C ASP D 272 -11.00 -30.29 -1.32
N ILE D 273 -9.92 -30.75 -0.67
CA ILE D 273 -8.63 -30.11 -0.78
C ILE D 273 -8.01 -30.41 -2.15
N GLY D 274 -7.22 -29.46 -2.64
CA GLY D 274 -6.51 -29.62 -3.90
C GLY D 274 -5.22 -28.83 -3.90
N LEU D 275 -4.42 -29.08 -4.92
CA LEU D 275 -3.12 -28.44 -5.10
C LEU D 275 -3.11 -27.64 -6.39
N VAL D 276 -2.56 -26.42 -6.32
CA VAL D 276 -2.48 -25.53 -7.48
C VAL D 276 -1.03 -25.18 -7.75
N TRP D 277 -0.60 -25.40 -8.99
CA TRP D 277 0.68 -24.94 -9.48
C TRP D 277 0.48 -24.37 -10.87
N ARG D 278 1.49 -23.63 -11.35
CA ARG D 278 1.43 -23.09 -12.69
C ARG D 278 1.56 -24.20 -13.72
N GLN D 279 0.94 -23.98 -14.88
CA GLN D 279 1.08 -24.89 -16.01
C GLN D 279 2.39 -24.69 -16.77
N THR D 280 3.31 -23.90 -16.21
CA THR D 280 4.64 -23.70 -16.76
C THR D 280 5.69 -24.55 -16.06
N THR D 281 5.25 -25.48 -15.20
CA THR D 281 6.14 -26.10 -14.23
C THR D 281 7.12 -27.09 -14.86
N SER D 282 8.34 -27.09 -14.32
CA SER D 282 9.28 -28.18 -14.47
C SER D 282 9.36 -29.05 -13.23
N ARG D 283 8.56 -28.75 -12.22
CA ARG D 283 8.54 -29.45 -10.95
C ARG D 283 7.29 -30.31 -10.81
N ILE D 284 6.82 -30.86 -11.92
CA ILE D 284 5.58 -31.65 -11.92
C ILE D 284 5.75 -32.92 -11.08
N LEU D 285 6.94 -33.52 -11.11
CA LEU D 285 7.21 -34.68 -10.27
C LEU D 285 7.19 -34.32 -8.79
N THR D 286 7.79 -33.17 -8.44
CA THR D 286 7.76 -32.68 -7.06
C THR D 286 6.33 -32.39 -6.61
N PHE D 287 5.55 -31.76 -7.47
CA PHE D 287 4.20 -31.35 -7.09
C PHE D 287 3.28 -32.55 -6.96
N ARG D 288 3.43 -33.55 -7.82
CA ARG D 288 2.65 -34.78 -7.68
C ARG D 288 3.10 -35.58 -6.46
N THR D 289 4.38 -35.52 -6.10
CA THR D 289 4.85 -36.15 -4.87
C THR D 289 4.22 -35.51 -3.63
N LEU D 290 4.20 -34.18 -3.59
CA LEU D 290 3.54 -33.48 -2.49
C LEU D 290 2.03 -33.74 -2.48
N GLY D 291 1.45 -33.89 -3.67
CA GLY D 291 0.05 -34.28 -3.75
C GLY D 291 -0.23 -35.62 -3.11
N LEU D 292 0.62 -36.62 -3.39
CA LEU D 292 0.44 -37.92 -2.71
C LEU D 292 0.73 -37.85 -1.22
N LEU D 293 1.66 -36.98 -0.81
CA LEU D 293 1.94 -36.82 0.63
C LEU D 293 0.71 -36.30 1.35
N ILE D 294 0.07 -35.29 0.79
CA ILE D 294 -1.16 -34.76 1.39
C ILE D 294 -2.31 -35.76 1.24
N GLN D 295 -2.31 -36.55 0.15
CA GLN D 295 -3.32 -37.58 -0.04
C GLN D 295 -3.27 -38.61 1.08
N LYS D 296 -2.07 -39.05 1.44
CA LYS D 296 -1.93 -39.99 2.56
C LYS D 296 -2.24 -39.29 3.87
N LEU D 297 -1.84 -38.03 4.02
CA LEU D 297 -2.10 -37.31 5.26
C LEU D 297 -3.58 -36.99 5.48
N LEU D 298 -4.38 -36.96 4.42
CA LEU D 298 -5.80 -36.69 4.55
C LEU D 298 -6.61 -37.98 4.72
N GLU E 91 -11.51 -8.34 -18.45
CA GLU E 91 -12.67 -7.50 -18.66
C GLU E 91 -12.51 -6.15 -17.95
N PRO E 92 -11.56 -5.32 -18.39
CA PRO E 92 -11.21 -4.13 -17.60
C PRO E 92 -12.27 -3.02 -17.60
N MET E 93 -12.70 -2.54 -18.77
CA MET E 93 -13.62 -1.42 -18.88
C MET E 93 -14.80 -1.74 -19.79
N THR E 94 -15.22 -3.01 -19.80
CA THR E 94 -16.23 -3.48 -20.72
C THR E 94 -17.31 -4.19 -19.94
N GLY E 95 -18.39 -4.54 -20.64
CA GLY E 95 -19.40 -5.39 -20.09
C GLY E 95 -20.35 -4.66 -19.16
N ASP E 96 -21.24 -5.46 -18.54
CA ASP E 96 -22.34 -4.93 -17.77
C ASP E 96 -21.90 -4.62 -16.35
N ILE E 97 -22.21 -3.40 -15.91
CA ILE E 97 -21.98 -2.96 -14.53
C ILE E 97 -23.25 -2.34 -13.97
N ARG E 98 -23.64 -2.79 -12.78
CA ARG E 98 -24.82 -2.28 -12.10
C ARG E 98 -24.43 -1.13 -11.20
N LEU E 99 -24.93 0.06 -11.50
CA LEU E 99 -24.54 1.28 -10.79
C LEU E 99 -25.73 1.84 -10.05
N GLY E 100 -25.54 2.15 -8.76
CA GLY E 100 -26.56 2.78 -7.95
C GLY E 100 -26.12 4.15 -7.47
N CYS E 101 -27.09 5.04 -7.29
CA CYS E 101 -26.83 6.42 -6.90
C CYS E 101 -28.03 6.95 -6.13
N ILE E 102 -27.77 7.70 -5.05
CA ILE E 102 -28.85 8.23 -4.22
C ILE E 102 -29.52 9.40 -4.93
N PRO E 103 -30.81 9.65 -4.69
CA PRO E 103 -31.51 10.70 -5.44
C PRO E 103 -31.08 12.13 -5.10
N THR E 104 -30.19 12.32 -4.13
CA THR E 104 -29.65 13.65 -3.84
C THR E 104 -28.29 13.88 -4.48
N ILE E 105 -27.75 12.90 -5.21
CA ILE E 105 -26.57 13.08 -6.02
C ILE E 105 -26.88 12.92 -7.50
N ALA E 106 -27.76 11.99 -7.84
CA ALA E 106 -28.01 11.60 -9.23
C ALA E 106 -28.45 12.73 -10.16
N PRO E 107 -29.44 13.58 -9.82
CA PRO E 107 -29.83 14.64 -10.79
C PRO E 107 -28.77 15.70 -11.01
N PHE E 108 -27.69 15.70 -10.24
CA PHE E 108 -26.67 16.71 -10.38
C PHE E 108 -25.31 16.16 -10.84
N LEU E 109 -25.12 14.83 -10.86
CA LEU E 109 -23.87 14.23 -11.30
C LEU E 109 -24.01 13.07 -12.29
N LEU E 110 -25.13 12.34 -12.27
CA LEU E 110 -25.16 11.01 -12.87
C LEU E 110 -25.17 11.07 -14.38
N SER E 111 -25.84 12.08 -14.96
CA SER E 111 -25.88 12.19 -16.42
C SER E 111 -24.49 12.50 -16.97
N ARG E 112 -23.72 13.33 -16.27
CA ARG E 112 -22.35 13.61 -16.68
C ARG E 112 -21.48 12.36 -16.59
N VAL E 113 -21.65 11.58 -15.52
CA VAL E 113 -20.90 10.33 -15.38
C VAL E 113 -21.23 9.36 -16.52
N VAL E 114 -22.52 9.18 -16.82
CA VAL E 114 -22.93 8.23 -17.84
C VAL E 114 -22.52 8.72 -19.24
N LYS E 115 -22.63 10.02 -19.50
CA LYS E 115 -22.28 10.55 -20.81
C LYS E 115 -20.78 10.42 -21.07
N GLN E 116 -19.95 10.75 -20.07
CA GLN E 116 -18.51 10.59 -20.24
C GLN E 116 -18.11 9.11 -20.36
N CYS E 117 -18.79 8.22 -19.63
CA CYS E 117 -18.51 6.79 -19.81
C CYS E 117 -18.91 6.31 -21.20
N GLN E 118 -20.02 6.82 -21.72
CA GLN E 118 -20.43 6.44 -23.07
C GLN E 118 -19.45 6.96 -24.11
N GLN E 119 -18.87 8.13 -23.88
CA GLN E 119 -17.89 8.68 -24.80
C GLN E 119 -16.57 7.92 -24.76
N ALA E 120 -16.09 7.60 -23.56
CA ALA E 120 -14.76 7.03 -23.41
C ALA E 120 -14.73 5.51 -23.36
N TYR E 121 -15.74 4.86 -22.75
CA TYR E 121 -15.79 3.41 -22.63
C TYR E 121 -17.11 2.87 -23.16
N PRO E 122 -17.29 2.86 -24.48
CA PRO E 122 -18.59 2.49 -25.06
C PRO E 122 -18.94 1.02 -24.97
N GLU E 123 -18.00 0.16 -24.58
CA GLU E 123 -18.31 -1.24 -24.39
C GLU E 123 -18.76 -1.55 -22.97
N MET E 124 -18.70 -0.57 -22.08
CA MET E 124 -19.16 -0.73 -20.70
C MET E 124 -20.62 -0.31 -20.59
N SER E 125 -21.48 -1.24 -20.22
CA SER E 125 -22.91 -0.99 -20.09
C SER E 125 -23.25 -0.66 -18.65
N LEU E 126 -23.56 0.62 -18.40
CA LEU E 126 -23.98 1.06 -17.08
C LEU E 126 -25.46 0.74 -16.91
N LEU E 127 -25.76 -0.26 -16.07
CA LEU E 127 -27.15 -0.61 -15.74
C LEU E 127 -27.47 0.14 -14.46
N LEU E 128 -28.26 1.22 -14.59
CA LEU E 128 -28.37 2.21 -13.54
C LEU E 128 -29.55 1.95 -12.61
N LYS E 129 -29.52 2.65 -11.47
CA LYS E 129 -30.61 2.60 -10.49
C LYS E 129 -30.49 3.81 -9.58
N GLU E 130 -31.61 4.50 -9.36
CA GLU E 130 -31.69 5.61 -8.42
C GLU E 130 -32.54 5.16 -7.24
N ASP E 131 -31.94 5.12 -6.06
CA ASP E 131 -32.64 4.62 -4.88
C ASP E 131 -31.96 5.15 -3.63
N THR E 132 -32.64 5.03 -2.50
CA THR E 132 -32.11 5.51 -1.24
C THR E 132 -31.04 4.55 -0.70
N THR E 133 -30.29 5.04 0.29
CA THR E 133 -29.02 4.43 0.69
C THR E 133 -29.19 3.01 1.21
N GLU E 134 -30.20 2.77 2.05
CA GLU E 134 -30.35 1.44 2.64
C GLU E 134 -30.78 0.42 1.59
N ARG E 135 -31.66 0.83 0.67
CA ARG E 135 -32.06 -0.05 -0.43
C ARG E 135 -30.89 -0.35 -1.35
N LEU E 136 -30.06 0.65 -1.64
CA LEU E 136 -28.86 0.44 -2.45
C LEU E 136 -27.90 -0.52 -1.77
N LEU E 137 -27.71 -0.38 -0.46
CA LEU E 137 -26.80 -1.25 0.27
C LEU E 137 -27.32 -2.68 0.31
N ASP E 138 -28.63 -2.86 0.49
CA ASP E 138 -29.18 -4.21 0.49
C ASP E 138 -29.08 -4.84 -0.89
N ALA E 139 -29.29 -4.05 -1.95
CA ALA E 139 -29.13 -4.57 -3.30
C ALA E 139 -27.70 -4.92 -3.61
N LEU E 140 -26.73 -4.16 -3.07
CA LEU E 140 -25.33 -4.51 -3.18
C LEU E 140 -25.03 -5.82 -2.48
N GLY E 141 -25.62 -6.02 -1.29
CA GLY E 141 -25.40 -7.26 -0.56
C GLY E 141 -26.00 -8.48 -1.25
N LYS E 142 -27.15 -8.31 -1.90
CA LYS E 142 -27.82 -9.42 -2.58
C LYS E 142 -27.34 -9.65 -4.00
N GLY E 143 -26.35 -8.89 -4.46
CA GLY E 143 -25.83 -9.06 -5.80
C GLY E 143 -26.62 -8.40 -6.90
N GLU E 144 -27.67 -7.65 -6.57
CA GLU E 144 -28.42 -6.94 -7.61
C GLU E 144 -27.68 -5.73 -8.13
N LEU E 145 -26.74 -5.19 -7.36
CA LEU E 145 -25.93 -4.07 -7.78
C LEU E 145 -24.49 -4.33 -7.43
N ASP E 146 -23.59 -3.65 -8.13
CA ASP E 146 -22.16 -3.85 -7.90
C ASP E 146 -21.44 -2.60 -7.43
N LEU E 147 -21.84 -1.42 -7.88
CA LEU E 147 -21.20 -0.17 -7.46
C LEU E 147 -22.27 0.79 -6.97
N LEU E 148 -21.95 1.55 -5.92
CA LEU E 148 -22.87 2.53 -5.36
C LEU E 148 -22.18 3.88 -5.21
N ILE E 149 -22.83 4.93 -5.70
CA ILE E 149 -22.40 6.31 -5.47
C ILE E 149 -23.18 6.82 -4.27
N LEU E 150 -22.52 6.90 -3.12
CA LEU E 150 -23.17 7.26 -1.88
C LEU E 150 -22.53 8.50 -1.28
N ALA E 151 -23.14 8.95 -0.18
CA ALA E 151 -22.54 9.92 0.72
C ALA E 151 -21.95 9.16 1.90
N LEU E 152 -20.64 9.29 2.09
CA LEU E 152 -19.89 8.37 2.95
C LEU E 152 -20.21 8.37 4.46
N PRO E 153 -20.66 9.45 5.12
CA PRO E 153 -20.90 9.33 6.58
C PRO E 153 -21.98 8.33 7.00
N VAL E 154 -22.73 7.73 6.06
CA VAL E 154 -23.62 6.64 6.41
C VAL E 154 -22.78 5.45 6.85
N ASP E 155 -23.32 4.66 7.78
CA ASP E 155 -22.64 3.46 8.26
C ASP E 155 -22.45 2.46 7.13
N THR E 156 -21.21 2.29 6.69
CA THR E 156 -20.83 1.29 5.72
C THR E 156 -20.09 0.17 6.46
N SER E 157 -20.54 -1.06 6.27
CA SER E 157 -19.90 -2.18 6.95
C SER E 157 -20.17 -3.46 6.16
N GLY E 158 -19.13 -4.26 6.00
CA GLY E 158 -19.19 -5.45 5.19
C GLY E 158 -18.85 -5.24 3.74
N TYR E 159 -18.70 -4.00 3.30
CA TYR E 159 -18.25 -3.68 1.96
C TYR E 159 -17.03 -2.76 2.08
N HIS E 160 -16.49 -2.38 0.94
CA HIS E 160 -15.39 -1.45 0.89
C HIS E 160 -15.86 -0.14 0.29
N SER E 161 -15.28 0.95 0.77
CA SER E 161 -15.65 2.27 0.31
C SER E 161 -14.41 3.11 0.05
N MET E 162 -14.57 4.08 -0.84
CA MET E 162 -13.52 5.02 -1.22
C MET E 162 -14.10 6.42 -1.28
N LYS E 163 -13.39 7.39 -0.69
CA LYS E 163 -13.79 8.79 -0.78
C LYS E 163 -13.20 9.45 -2.01
N VAL E 164 -14.05 10.13 -2.78
CA VAL E 164 -13.62 10.83 -3.99
C VAL E 164 -13.76 12.34 -3.89
N GLY E 165 -14.32 12.86 -2.80
CA GLY E 165 -14.45 14.29 -2.65
C GLY E 165 -15.47 14.63 -1.58
N ILE E 166 -15.80 15.92 -1.52
CA ILE E 166 -16.77 16.43 -0.56
C ILE E 166 -17.79 17.31 -1.29
N ASP E 167 -18.93 17.51 -0.64
CA ASP E 167 -20.02 18.34 -1.14
C ASP E 167 -20.49 19.24 0.01
N PRO E 168 -20.18 20.53 -0.02
CA PRO E 168 -20.57 21.42 1.09
C PRO E 168 -22.07 21.67 1.16
N PHE E 169 -22.49 22.14 2.33
CA PHE E 169 -23.88 22.47 2.64
C PHE E 169 -24.07 23.98 2.65
N LYS E 170 -25.26 24.41 2.26
CA LYS E 170 -25.63 25.82 2.34
C LYS E 170 -27.05 25.91 2.89
N MET E 171 -27.42 27.11 3.35
CA MET E 171 -28.80 27.41 3.69
C MET E 171 -29.34 28.39 2.67
N VAL E 172 -30.61 28.22 2.28
CA VAL E 172 -31.24 29.11 1.31
C VAL E 172 -32.50 29.72 1.92
N ILE E 173 -32.68 31.03 1.69
CA ILE E 173 -33.89 31.76 2.03
C ILE E 173 -34.20 32.69 0.85
N HIS E 174 -35.47 33.06 0.72
CA HIS E 174 -35.88 34.05 -0.26
C HIS E 174 -35.18 35.38 0.02
N LYS E 175 -34.90 36.13 -1.05
CA LYS E 175 -34.21 37.41 -0.94
C LYS E 175 -35.07 38.46 -0.22
N GLN E 188 -31.83 29.27 16.33
CA GLN E 188 -31.91 30.07 17.55
C GLN E 188 -32.73 31.34 17.32
N THR E 189 -32.56 31.95 16.14
CA THR E 189 -33.27 33.17 15.79
C THR E 189 -34.21 32.91 14.62
N LEU E 190 -34.93 31.79 14.65
CA LEU E 190 -35.78 31.39 13.55
C LEU E 190 -37.21 31.17 14.03
N PRO E 191 -38.24 31.43 13.19
CA PRO E 191 -39.63 31.32 13.67
C PRO E 191 -40.17 29.90 13.79
N ASP E 192 -39.36 29.02 14.37
CA ASP E 192 -39.75 27.81 15.08
C ASP E 192 -40.28 26.66 14.23
N GLU E 193 -40.63 26.87 12.97
CA GLU E 193 -40.95 25.76 12.10
C GLU E 193 -40.51 26.04 10.67
N SER E 194 -39.36 26.69 10.51
CA SER E 194 -38.98 27.22 9.20
C SER E 194 -38.01 26.33 8.44
N ILE E 195 -37.21 25.51 9.13
CA ILE E 195 -36.19 24.70 8.47
C ILE E 195 -36.84 23.43 7.90
N PHE E 196 -36.83 23.32 6.57
CA PHE E 196 -37.37 22.14 5.90
C PHE E 196 -36.31 21.04 5.83
N LEU E 197 -36.76 19.79 5.97
CA LEU E 197 -35.86 18.64 5.95
C LEU E 197 -36.52 17.49 5.20
N LEU E 198 -35.68 16.64 4.60
CA LEU E 198 -36.18 15.44 3.94
C LEU E 198 -36.54 14.38 4.98
N GLN E 199 -37.13 13.29 4.50
CA GLN E 199 -37.48 12.17 5.36
C GLN E 199 -36.21 11.50 5.89
N SER E 200 -36.41 10.67 6.92
CA SER E 200 -35.29 10.05 7.61
C SER E 200 -34.55 9.03 6.74
N GLU E 201 -35.22 8.47 5.72
CA GLU E 201 -34.57 7.52 4.84
C GLU E 201 -33.58 8.17 3.87
N HIS E 202 -33.58 9.49 3.78
CA HIS E 202 -32.56 10.21 3.01
C HIS E 202 -31.44 10.60 3.95
N SER E 203 -30.21 10.21 3.59
CA SER E 203 -29.04 10.43 4.45
C SER E 203 -28.67 11.90 4.56
N ILE E 204 -29.11 12.73 3.62
CA ILE E 204 -28.71 14.13 3.61
C ILE E 204 -29.27 14.88 4.81
N THR E 205 -30.39 14.40 5.37
CA THR E 205 -30.95 15.04 6.55
C THR E 205 -30.06 14.85 7.77
N GLY E 206 -29.64 13.61 8.03
CA GLY E 206 -28.72 13.37 9.13
C GLY E 206 -27.36 13.99 8.91
N HIS E 207 -26.88 13.99 7.65
CA HIS E 207 -25.60 14.61 7.35
C HIS E 207 -25.64 16.12 7.57
N ALA E 208 -26.75 16.76 7.17
CA ALA E 208 -26.88 18.20 7.39
C ALA E 208 -27.13 18.52 8.86
N ILE E 209 -27.80 17.63 9.58
CA ILE E 209 -28.02 17.85 11.01
C ILE E 209 -26.70 17.84 11.76
N THR E 210 -25.89 16.81 11.54
CA THR E 210 -24.64 16.71 12.29
C THR E 210 -23.56 17.65 11.76
N ALA E 211 -23.52 17.91 10.46
CA ALA E 211 -22.48 18.77 9.92
C ALA E 211 -22.75 20.26 10.11
N CYS E 212 -24.01 20.64 10.35
CA CYS E 212 -24.35 22.05 10.51
C CYS E 212 -24.80 22.40 11.92
N GLN E 213 -24.55 21.51 12.88
CA GLN E 213 -24.75 21.76 14.32
C GLN E 213 -26.18 22.17 14.62
N LEU E 214 -27.12 21.29 14.25
CA LEU E 214 -28.54 21.49 14.49
C LEU E 214 -29.00 20.44 15.49
N GLY E 215 -29.39 20.90 16.68
CA GLY E 215 -29.85 19.99 17.71
C GLY E 215 -31.21 20.38 18.28
N ASP E 216 -31.90 21.27 17.59
CA ASP E 216 -33.20 21.77 18.03
C ASP E 216 -34.28 21.17 17.12
N SER E 217 -34.91 20.10 17.58
CA SER E 217 -35.95 19.44 16.81
C SER E 217 -37.22 20.27 16.72
N ALA E 218 -37.34 21.33 17.53
CA ALA E 218 -38.45 22.26 17.38
C ALA E 218 -38.42 22.96 16.04
N LYS E 219 -37.23 23.41 15.63
CA LYS E 219 -37.08 24.26 14.44
C LYS E 219 -37.42 23.55 13.15
N VAL E 220 -37.44 22.22 13.15
CA VAL E 220 -37.69 21.47 11.93
C VAL E 220 -39.16 21.59 11.56
N ASN E 221 -39.43 21.95 10.31
CA ASN E 221 -40.78 21.94 9.81
C ASN E 221 -41.29 20.51 9.71
N PRO E 222 -42.57 20.28 9.96
CA PRO E 222 -43.09 18.91 9.89
C PRO E 222 -43.32 18.38 8.49
N PHE E 223 -42.73 19.00 7.45
CA PHE E 223 -42.81 18.44 6.10
C PHE E 223 -42.20 17.05 6.19
N ALA E 224 -42.87 16.05 5.65
CA ALA E 224 -42.23 14.75 5.44
C ALA E 224 -41.94 14.66 3.95
N ALA E 225 -40.80 15.19 3.55
CA ALA E 225 -40.44 15.37 2.14
C ALA E 225 -39.46 14.31 1.67
N THR E 226 -39.51 14.05 0.35
CA THR E 226 -38.55 13.17 -0.31
C THR E 226 -37.79 13.85 -1.45
N SER E 227 -38.19 15.04 -1.89
CA SER E 227 -37.59 15.73 -3.03
C SER E 227 -37.02 17.08 -2.60
N LEU E 228 -35.77 17.36 -2.99
CA LEU E 228 -35.15 18.64 -2.70
C LEU E 228 -35.66 19.76 -3.60
N HIS E 229 -36.15 19.42 -4.79
CA HIS E 229 -36.74 20.42 -5.67
C HIS E 229 -38.04 20.96 -5.10
N THR E 230 -38.82 20.09 -4.43
CA THR E 230 -39.96 20.56 -3.67
C THR E 230 -39.52 21.52 -2.56
N LEU E 231 -38.38 21.25 -1.93
CA LEU E 231 -37.89 22.13 -0.87
C LEU E 231 -37.46 23.49 -1.40
N VAL E 232 -36.85 23.51 -2.59
CA VAL E 232 -36.53 24.76 -3.26
C VAL E 232 -37.80 25.55 -3.56
N GLN E 233 -38.85 24.87 -3.99
CA GLN E 233 -40.11 25.56 -4.22
C GLN E 233 -40.76 26.04 -2.92
N MET E 234 -40.62 25.28 -1.83
CA MET E 234 -41.14 25.71 -0.53
C MET E 234 -40.47 26.99 -0.07
N VAL E 235 -39.14 27.03 -0.13
CA VAL E 235 -38.41 28.22 0.28
C VAL E 235 -38.65 29.38 -0.69
N ASN E 236 -38.84 29.09 -1.97
CA ASN E 236 -39.12 30.14 -2.94
C ASN E 236 -40.50 30.77 -2.73
N SER E 237 -41.40 30.09 -2.04
CA SER E 237 -42.70 30.64 -1.70
C SER E 237 -42.71 31.28 -0.29
N LYS E 238 -41.53 31.61 0.23
CA LYS E 238 -41.36 32.29 1.53
C LYS E 238 -41.93 31.48 2.68
N LEU E 239 -41.87 30.16 2.58
CA LEU E 239 -42.42 29.28 3.60
C LEU E 239 -41.39 28.79 4.60
N GLY E 240 -40.14 29.24 4.49
CA GLY E 240 -39.11 28.84 5.42
C GLY E 240 -37.75 28.85 4.75
N THR E 241 -36.83 28.08 5.34
CA THR E 241 -35.46 27.88 4.86
C THR E 241 -35.20 26.39 4.70
N THR E 242 -34.06 26.06 4.10
CA THR E 242 -33.61 24.67 4.05
C THR E 242 -32.12 24.59 3.75
N PHE E 243 -31.60 23.37 3.87
CA PHE E 243 -30.23 23.02 3.52
C PHE E 243 -30.17 22.51 2.09
N LEU E 244 -29.15 22.96 1.35
CA LEU E 244 -28.94 22.49 0.01
C LEU E 244 -27.51 21.98 -0.15
N PRO E 245 -27.33 20.85 -0.84
CA PRO E 245 -25.98 20.42 -1.21
C PRO E 245 -25.40 21.33 -2.28
N GLN E 246 -24.07 21.46 -2.26
CA GLN E 246 -23.39 22.38 -3.16
C GLN E 246 -23.49 21.94 -4.61
N MET E 247 -23.53 20.64 -4.86
CA MET E 247 -23.63 20.18 -6.24
C MET E 247 -24.98 20.54 -6.86
N ALA E 248 -26.01 20.68 -6.03
CA ALA E 248 -27.31 21.16 -6.52
C ALA E 248 -27.23 22.62 -6.95
N ILE E 249 -26.51 23.44 -6.18
CA ILE E 249 -26.30 24.83 -6.55
C ILE E 249 -25.48 24.93 -7.83
N ASP E 250 -24.41 24.14 -7.92
CA ASP E 250 -23.54 24.17 -9.10
C ASP E 250 -24.28 23.68 -10.34
N ALA E 251 -25.20 22.73 -10.18
CA ALA E 251 -26.02 22.29 -11.30
C ALA E 251 -27.16 23.24 -11.63
N GLY E 252 -27.39 24.26 -10.80
CA GLY E 252 -28.38 25.28 -11.13
C GLY E 252 -29.76 25.09 -10.54
N ILE E 253 -29.84 24.58 -9.30
CA ILE E 253 -31.15 24.45 -8.67
C ILE E 253 -31.69 25.81 -8.20
N LEU E 254 -30.84 26.82 -8.07
CA LEU E 254 -31.28 28.14 -7.63
C LEU E 254 -31.65 29.06 -8.78
N ASN E 255 -31.44 28.65 -10.03
CA ASN E 255 -31.82 29.47 -11.16
C ASN E 255 -33.35 29.50 -11.30
N ASP E 256 -33.85 30.63 -11.82
CA ASP E 256 -35.29 30.93 -11.90
C ASP E 256 -35.95 30.94 -10.52
N THR E 257 -35.17 31.19 -9.48
CA THR E 257 -35.67 31.38 -8.12
C THR E 257 -35.23 32.75 -7.62
N ASP E 258 -35.60 33.07 -6.38
CA ASP E 258 -35.21 34.31 -5.74
C ASP E 258 -34.43 34.05 -4.45
N LEU E 259 -33.83 32.87 -4.35
CA LEU E 259 -33.19 32.43 -3.12
C LEU E 259 -31.77 32.97 -3.02
N VAL E 260 -31.26 33.02 -1.80
CA VAL E 260 -29.91 33.47 -1.55
C VAL E 260 -29.05 32.26 -1.18
N VAL E 261 -27.75 32.45 -1.18
CA VAL E 261 -26.83 31.48 -0.59
C VAL E 261 -26.36 32.04 0.73
N MET E 262 -26.54 31.27 1.80
CA MET E 262 -26.16 31.68 3.14
C MET E 262 -25.18 30.67 3.72
N THR E 263 -24.17 31.20 4.40
CA THR E 263 -23.21 30.35 5.08
C THR E 263 -23.89 29.71 6.29
N PRO E 264 -23.94 28.38 6.37
CA PRO E 264 -24.54 27.73 7.53
C PRO E 264 -23.54 27.66 8.67
N PRO E 265 -24.00 27.35 9.88
CA PRO E 265 -23.06 27.07 10.97
C PRO E 265 -22.37 25.73 10.75
N GLY E 266 -21.30 25.52 11.51
CA GLY E 266 -20.62 24.23 11.49
C GLY E 266 -19.11 24.32 11.40
N GLU E 267 -18.43 23.41 12.08
CA GLU E 267 -16.98 23.33 11.97
C GLU E 267 -16.57 22.79 10.61
N ALA E 268 -17.22 21.72 10.16
CA ALA E 268 -16.95 21.10 8.86
C ALA E 268 -18.27 20.87 8.15
N PRO E 269 -18.84 21.90 7.53
CA PRO E 269 -20.20 21.78 6.97
C PRO E 269 -20.23 21.19 5.57
N TYR E 270 -19.98 19.89 5.47
CA TYR E 270 -20.00 19.20 4.19
C TYR E 270 -20.29 17.72 4.42
N ARG E 271 -20.63 17.04 3.32
CA ARG E 271 -20.74 15.58 3.30
C ARG E 271 -19.65 15.00 2.43
N ASP E 272 -19.27 13.75 2.71
CA ASP E 272 -18.27 13.04 1.91
C ASP E 272 -18.97 12.26 0.81
N ILE E 273 -18.52 12.44 -0.44
CA ILE E 273 -19.04 11.66 -1.55
C ILE E 273 -18.10 10.48 -1.78
N GLY E 274 -18.62 9.37 -2.32
CA GLY E 274 -17.71 8.33 -2.76
C GLY E 274 -18.44 7.09 -3.24
N LEU E 275 -17.64 6.03 -3.43
CA LEU E 275 -18.07 4.80 -4.07
C LEU E 275 -17.96 3.64 -3.10
N VAL E 276 -18.96 2.76 -3.13
CA VAL E 276 -19.03 1.60 -2.25
C VAL E 276 -19.22 0.36 -3.11
N TRP E 277 -18.43 -0.68 -2.83
CA TRP E 277 -18.49 -1.91 -3.61
C TRP E 277 -18.19 -3.09 -2.71
N ARG E 278 -18.56 -4.27 -3.19
CA ARG E 278 -18.30 -5.53 -2.48
C ARG E 278 -16.80 -5.76 -2.34
N GLN E 279 -16.41 -6.33 -1.20
CA GLN E 279 -14.99 -6.50 -0.89
C GLN E 279 -14.33 -7.53 -1.80
N THR E 280 -15.10 -8.49 -2.29
CA THR E 280 -14.60 -9.57 -3.13
C THR E 280 -14.63 -9.23 -4.61
N THR E 281 -14.63 -7.95 -4.96
CA THR E 281 -14.78 -7.56 -6.35
C THR E 281 -13.51 -7.87 -7.14
N SER E 282 -13.69 -8.01 -8.45
CA SER E 282 -12.59 -8.12 -9.38
C SER E 282 -12.53 -6.93 -10.35
N ARG E 283 -13.31 -5.89 -10.10
CA ARG E 283 -13.37 -4.71 -10.95
C ARG E 283 -12.71 -3.50 -10.29
N ILE E 284 -11.64 -3.76 -9.53
CA ILE E 284 -10.93 -2.71 -8.79
C ILE E 284 -10.36 -1.64 -9.72
N LEU E 285 -9.91 -2.03 -10.91
CA LEU E 285 -9.41 -1.05 -11.87
C LEU E 285 -10.53 -0.16 -12.39
N THR E 286 -11.65 -0.78 -12.76
CA THR E 286 -12.82 -0.04 -13.22
C THR E 286 -13.35 0.89 -12.14
N PHE E 287 -13.42 0.38 -10.90
CA PHE E 287 -13.96 1.16 -9.80
C PHE E 287 -13.07 2.34 -9.45
N ARG E 288 -11.74 2.14 -9.44
CA ARG E 288 -10.81 3.24 -9.21
C ARG E 288 -10.90 4.29 -10.32
N THR E 289 -11.08 3.85 -11.56
CA THR E 289 -11.23 4.79 -12.67
C THR E 289 -12.51 5.62 -12.55
N LEU E 290 -13.62 4.97 -12.19
CA LEU E 290 -14.87 5.70 -12.02
C LEU E 290 -14.80 6.66 -10.83
N GLY E 291 -14.14 6.25 -9.75
CA GLY E 291 -13.93 7.16 -8.64
C GLY E 291 -13.07 8.36 -9.02
N LEU E 292 -12.07 8.12 -9.85
CA LEU E 292 -11.26 9.22 -10.38
C LEU E 292 -12.10 10.14 -11.25
N LEU E 293 -13.03 9.57 -12.02
CA LEU E 293 -13.88 10.38 -12.89
C LEU E 293 -14.77 11.29 -12.04
N ILE E 294 -15.40 10.72 -11.01
CA ILE E 294 -16.25 11.49 -10.10
C ILE E 294 -15.42 12.54 -9.37
N GLN E 295 -14.19 12.21 -9.01
CA GLN E 295 -13.31 13.19 -8.37
C GLN E 295 -13.02 14.35 -9.30
N LYS E 296 -12.82 14.08 -10.59
CA LYS E 296 -12.62 15.17 -11.55
C LYS E 296 -13.91 15.97 -11.76
N LEU E 297 -15.06 15.31 -11.68
CA LEU E 297 -16.33 16.01 -11.88
C LEU E 297 -16.67 16.93 -10.71
N LEU E 298 -16.27 16.55 -9.51
CA LEU E 298 -16.56 17.35 -8.32
C LEU E 298 -15.69 18.59 -8.20
N THR E 299 -14.66 18.75 -9.06
CA THR E 299 -13.77 19.89 -8.94
C THR E 299 -14.46 21.21 -9.25
N ASN E 300 -15.30 21.24 -10.28
CA ASN E 300 -15.99 22.47 -10.64
C ASN E 300 -17.39 22.19 -11.18
N GLU F 91 -9.49 9.93 -18.29
CA GLU F 91 -8.03 10.05 -18.39
C GLU F 91 -7.26 8.70 -18.54
N PRO F 92 -7.60 7.62 -17.75
CA PRO F 92 -6.84 6.37 -17.89
C PRO F 92 -6.76 5.78 -19.29
N MET F 93 -7.87 5.42 -19.90
CA MET F 93 -7.81 4.91 -21.28
C MET F 93 -8.04 6.04 -22.27
N THR F 94 -7.27 7.11 -22.15
CA THR F 94 -7.43 8.30 -22.97
C THR F 94 -6.07 8.99 -23.06
N GLY F 95 -5.80 9.62 -24.19
CA GLY F 95 -4.57 10.36 -24.37
C GLY F 95 -3.65 9.72 -25.39
N ASP F 96 -2.38 10.07 -25.30
CA ASP F 96 -1.36 9.56 -26.20
C ASP F 96 -0.44 8.60 -25.45
N ILE F 97 -0.31 7.40 -25.97
CA ILE F 97 0.59 6.40 -25.42
C ILE F 97 1.50 5.88 -26.52
N ARG F 98 2.80 5.87 -26.25
CA ARG F 98 3.80 5.40 -27.21
C ARG F 98 4.18 3.97 -26.86
N LEU F 99 3.69 3.02 -27.64
CA LEU F 99 3.79 1.59 -27.34
C LEU F 99 4.83 0.93 -28.24
N GLY F 100 5.74 0.18 -27.65
CA GLY F 100 6.75 -0.57 -28.38
C GLY F 100 6.49 -2.06 -28.27
N CYS F 101 6.90 -2.80 -29.31
CA CYS F 101 6.69 -4.24 -29.39
C CYS F 101 7.79 -4.86 -30.25
N ILE F 102 8.25 -6.04 -29.85
CA ILE F 102 9.39 -6.67 -30.54
C ILE F 102 8.88 -7.46 -31.73
N PRO F 103 9.68 -7.64 -32.79
CA PRO F 103 9.16 -8.29 -34.00
C PRO F 103 8.92 -9.78 -33.85
N THR F 104 9.26 -10.39 -32.73
CA THR F 104 8.88 -11.78 -32.50
C THR F 104 7.54 -11.91 -31.80
N ILE F 105 6.90 -10.78 -31.44
CA ILE F 105 5.57 -10.78 -30.85
C ILE F 105 4.57 -10.06 -31.73
N ALA F 106 4.94 -8.89 -32.27
CA ALA F 106 4.01 -8.02 -32.99
C ALA F 106 3.24 -8.66 -34.15
N PRO F 107 3.85 -9.43 -35.08
CA PRO F 107 3.02 -10.00 -36.16
C PRO F 107 2.01 -11.02 -35.67
N PHE F 108 2.17 -11.54 -34.46
CA PHE F 108 1.26 -12.53 -33.94
C PHE F 108 0.37 -12.01 -32.81
N LEU F 109 0.57 -10.76 -32.37
CA LEU F 109 -0.21 -10.26 -31.25
C LEU F 109 -0.70 -8.81 -31.38
N LEU F 110 -0.01 -7.99 -32.17
CA LEU F 110 -0.20 -6.54 -32.06
C LEU F 110 -1.49 -6.06 -32.70
N SER F 111 -1.94 -6.72 -33.77
CA SER F 111 -3.13 -6.29 -34.49
C SER F 111 -4.38 -6.40 -33.63
N ARG F 112 -4.55 -7.52 -32.92
CA ARG F 112 -5.72 -7.69 -32.06
C ARG F 112 -5.69 -6.70 -30.90
N VAL F 113 -4.49 -6.40 -30.39
CA VAL F 113 -4.35 -5.42 -29.31
C VAL F 113 -4.84 -4.06 -29.77
N VAL F 114 -4.37 -3.62 -30.94
CA VAL F 114 -4.72 -2.29 -31.44
C VAL F 114 -6.20 -2.23 -31.82
N LYS F 115 -6.74 -3.31 -32.39
CA LYS F 115 -8.14 -3.29 -32.80
C LYS F 115 -9.08 -3.29 -31.59
N GLN F 116 -8.78 -4.10 -30.57
CA GLN F 116 -9.65 -4.13 -29.41
C GLN F 116 -9.49 -2.89 -28.55
N CYS F 117 -8.32 -2.26 -28.57
CA CYS F 117 -8.19 -0.95 -27.95
C CYS F 117 -8.96 0.11 -28.74
N GLN F 118 -9.07 -0.06 -30.05
CA GLN F 118 -9.87 0.88 -30.84
C GLN F 118 -11.35 0.71 -30.54
N GLN F 119 -11.80 -0.53 -30.38
CA GLN F 119 -13.21 -0.79 -30.12
C GLN F 119 -13.60 -0.34 -28.71
N ALA F 120 -12.79 -0.70 -27.71
CA ALA F 120 -13.17 -0.48 -26.32
C ALA F 120 -12.71 0.86 -25.76
N TYR F 121 -11.65 1.44 -26.30
CA TYR F 121 -11.13 2.74 -25.86
C TYR F 121 -10.86 3.62 -27.06
N PRO F 122 -11.90 4.15 -27.70
CA PRO F 122 -11.71 4.92 -28.95
C PRO F 122 -11.07 6.28 -28.74
N GLU F 123 -10.92 6.73 -27.50
CA GLU F 123 -10.27 8.00 -27.19
C GLU F 123 -8.80 7.85 -26.86
N MET F 124 -8.26 6.64 -26.92
CA MET F 124 -6.83 6.39 -26.70
C MET F 124 -6.17 6.09 -28.03
N SER F 125 -5.02 6.74 -28.27
CA SER F 125 -4.27 6.58 -29.50
C SER F 125 -2.96 5.88 -29.18
N LEU F 126 -2.75 4.72 -29.79
CA LEU F 126 -1.51 3.96 -29.61
C LEU F 126 -0.50 4.41 -30.66
N LEU F 127 0.62 4.97 -30.20
CA LEU F 127 1.71 5.36 -31.09
C LEU F 127 2.71 4.21 -31.10
N LEU F 128 2.72 3.46 -32.19
CA LEU F 128 3.36 2.15 -32.22
C LEU F 128 4.78 2.21 -32.76
N LYS F 129 5.62 1.31 -32.25
CA LYS F 129 6.98 1.13 -32.72
C LYS F 129 7.34 -0.35 -32.64
N GLU F 130 7.97 -0.85 -33.70
CA GLU F 130 8.38 -2.25 -33.80
C GLU F 130 9.90 -2.28 -33.98
N ASP F 131 10.61 -2.82 -33.00
CA ASP F 131 12.06 -2.91 -33.09
C ASP F 131 12.53 -3.90 -32.03
N THR F 132 13.84 -4.16 -32.00
CA THR F 132 14.38 -5.15 -31.09
C THR F 132 14.46 -4.60 -29.66
N THR F 133 14.85 -5.48 -28.74
CA THR F 133 14.69 -5.24 -27.30
C THR F 133 15.57 -4.10 -26.80
N GLU F 134 16.85 -4.11 -27.16
CA GLU F 134 17.78 -3.12 -26.65
C GLU F 134 17.42 -1.72 -27.10
N ARG F 135 17.04 -1.55 -28.37
CA ARG F 135 16.65 -0.23 -28.84
C ARG F 135 15.30 0.19 -28.29
N LEU F 136 14.42 -0.76 -27.96
CA LEU F 136 13.17 -0.42 -27.32
C LEU F 136 13.39 0.11 -25.90
N LEU F 137 14.26 -0.57 -25.14
CA LEU F 137 14.60 -0.07 -23.81
C LEU F 137 15.32 1.27 -23.88
N ASP F 138 16.14 1.48 -24.90
CA ASP F 138 16.78 2.78 -25.09
C ASP F 138 15.76 3.85 -25.44
N ALA F 139 14.76 3.51 -26.26
CA ALA F 139 13.70 4.46 -26.59
C ALA F 139 12.90 4.83 -25.35
N LEU F 140 12.64 3.85 -24.48
CA LEU F 140 12.05 4.16 -23.18
C LEU F 140 12.97 5.04 -22.34
N GLY F 141 14.29 4.83 -22.48
CA GLY F 141 15.22 5.63 -21.71
C GLY F 141 15.24 7.08 -22.12
N LYS F 142 15.27 7.35 -23.43
CA LYS F 142 15.35 8.73 -23.88
C LYS F 142 13.98 9.39 -24.05
N GLY F 143 12.92 8.77 -23.54
CA GLY F 143 11.60 9.36 -23.59
C GLY F 143 10.81 9.15 -24.87
N GLU F 144 11.31 8.33 -25.81
CA GLU F 144 10.62 8.13 -27.07
C GLU F 144 9.36 7.28 -26.88
N LEU F 145 9.39 6.33 -25.94
CA LEU F 145 8.29 5.41 -25.74
C LEU F 145 7.85 5.44 -24.28
N ASP F 146 6.65 4.90 -24.03
CA ASP F 146 6.05 4.82 -22.71
C ASP F 146 5.84 3.39 -22.23
N LEU F 147 5.62 2.44 -23.14
CA LEU F 147 5.31 1.05 -22.78
C LEU F 147 5.97 0.10 -23.78
N LEU F 148 6.50 -1.01 -23.29
CA LEU F 148 7.17 -1.99 -24.13
C LEU F 148 6.57 -3.37 -23.93
N ILE F 149 6.20 -4.02 -25.04
CA ILE F 149 5.82 -5.42 -25.02
C ILE F 149 7.08 -6.24 -25.30
N LEU F 150 7.58 -6.92 -24.29
CA LEU F 150 8.85 -7.62 -24.39
C LEU F 150 8.68 -9.08 -24.01
N ALA F 151 9.69 -9.87 -24.35
CA ALA F 151 9.77 -11.28 -24.03
C ALA F 151 10.39 -11.45 -22.65
N LEU F 152 10.87 -12.67 -22.33
CA LEU F 152 11.60 -13.05 -21.11
C LEU F 152 12.64 -11.98 -20.76
N PRO F 153 12.81 -11.66 -19.48
CA PRO F 153 13.67 -10.52 -19.09
C PRO F 153 15.11 -10.69 -19.57
N VAL F 154 15.53 -9.76 -20.42
CA VAL F 154 16.89 -9.74 -20.94
C VAL F 154 17.75 -8.86 -20.05
N ASP F 155 17.36 -7.59 -19.94
CA ASP F 155 18.08 -6.63 -19.09
C ASP F 155 17.04 -5.79 -18.37
N THR F 156 16.72 -6.18 -17.14
CA THR F 156 15.82 -5.44 -16.28
C THR F 156 16.65 -4.69 -15.25
N SER F 157 16.74 -3.37 -15.40
CA SER F 157 17.48 -2.55 -14.45
C SER F 157 16.94 -1.13 -14.53
N GLY F 158 16.18 -0.71 -13.52
CA GLY F 158 15.72 0.65 -13.39
C GLY F 158 14.25 0.86 -13.71
N TYR F 159 13.61 -0.09 -14.38
CA TYR F 159 12.21 0.05 -14.80
C TYR F 159 11.36 -0.99 -14.08
N HIS F 160 10.04 -0.89 -14.31
CA HIS F 160 9.06 -1.85 -13.80
C HIS F 160 8.73 -2.86 -14.89
N SER F 161 8.59 -4.12 -14.49
CA SER F 161 8.19 -5.19 -15.38
C SER F 161 6.99 -5.92 -14.78
N MET F 162 6.13 -6.42 -15.66
CA MET F 162 4.94 -7.17 -15.27
C MET F 162 4.75 -8.30 -16.26
N LYS F 163 4.81 -9.54 -15.77
CA LYS F 163 4.58 -10.68 -16.65
C LYS F 163 3.11 -10.74 -17.03
N VAL F 164 2.83 -10.72 -18.33
CA VAL F 164 1.48 -10.84 -18.84
C VAL F 164 1.19 -12.21 -19.44
N GLY F 165 2.17 -13.10 -19.49
CA GLY F 165 1.83 -14.46 -19.88
C GLY F 165 3.03 -15.27 -20.33
N ILE F 166 2.72 -16.40 -20.97
CA ILE F 166 3.70 -17.38 -21.44
C ILE F 166 3.36 -17.76 -22.87
N ASP F 167 4.39 -18.23 -23.59
CA ASP F 167 4.18 -18.97 -24.84
C ASP F 167 5.30 -20.00 -25.01
N PRO F 168 4.95 -21.27 -25.15
CA PRO F 168 5.98 -22.30 -25.27
C PRO F 168 6.76 -22.19 -26.57
N PHE F 169 7.99 -22.67 -26.52
CA PHE F 169 8.82 -22.85 -27.70
C PHE F 169 8.57 -24.23 -28.30
N LYS F 170 8.57 -24.30 -29.62
CA LYS F 170 8.36 -25.57 -30.32
C LYS F 170 9.44 -25.72 -31.39
N MET F 171 9.75 -26.98 -31.72
CA MET F 171 10.70 -27.25 -32.79
C MET F 171 9.92 -27.71 -34.01
N VAL F 172 10.34 -27.26 -35.19
CA VAL F 172 9.58 -27.52 -36.41
C VAL F 172 10.47 -28.17 -37.45
N ILE F 173 9.89 -29.09 -38.22
CA ILE F 173 10.61 -29.86 -39.22
C ILE F 173 9.62 -30.24 -40.32
N HIS F 174 10.13 -30.36 -41.55
CA HIS F 174 9.30 -30.80 -42.66
C HIS F 174 8.82 -32.23 -42.44
N LYS F 175 7.65 -32.54 -43.01
CA LYS F 175 6.99 -33.82 -42.76
C LYS F 175 7.81 -35.01 -43.23
N ASP F 176 8.66 -34.82 -44.24
CA ASP F 176 9.44 -35.93 -44.78
C ASP F 176 10.68 -36.25 -43.94
N LEU F 177 11.07 -35.36 -43.03
CA LEU F 177 12.30 -35.54 -42.25
C LEU F 177 12.01 -35.60 -40.76
N VAL F 178 10.94 -36.25 -40.35
CA VAL F 178 10.63 -36.34 -38.93
C VAL F 178 11.12 -37.66 -38.36
N ILE F 185 14.02 -33.93 -27.31
CA ILE F 185 14.40 -34.98 -28.25
C ILE F 185 15.79 -35.46 -27.90
N ASP F 186 16.77 -35.05 -28.72
CA ASP F 186 18.20 -35.25 -28.50
C ASP F 186 18.96 -34.39 -29.49
N TYR F 187 19.99 -33.71 -29.01
CA TYR F 187 20.68 -32.72 -29.82
C TYR F 187 21.92 -33.26 -30.53
N GLN F 188 22.47 -34.39 -30.10
CA GLN F 188 23.63 -34.89 -30.79
C GLN F 188 23.26 -35.82 -31.94
N THR F 189 21.99 -36.22 -32.02
CA THR F 189 21.49 -37.01 -33.14
C THR F 189 21.18 -36.17 -34.35
N LEU F 190 21.24 -34.85 -34.23
CA LEU F 190 20.90 -33.97 -35.33
C LEU F 190 22.07 -33.84 -36.29
N PRO F 191 21.79 -33.57 -37.57
CA PRO F 191 22.88 -33.23 -38.48
C PRO F 191 23.53 -31.93 -38.05
N ASP F 192 24.78 -31.80 -38.46
CA ASP F 192 25.65 -30.76 -37.95
C ASP F 192 25.39 -29.47 -38.74
N GLU F 193 25.25 -28.35 -38.00
CA GLU F 193 24.86 -27.02 -38.52
C GLU F 193 23.46 -27.02 -39.14
N SER F 194 22.51 -27.64 -38.45
CA SER F 194 21.15 -27.79 -38.98
C SER F 194 20.09 -26.91 -38.30
N ILE F 195 20.38 -26.31 -37.15
CA ILE F 195 19.38 -25.56 -36.40
C ILE F 195 19.45 -24.10 -36.80
N PHE F 196 18.34 -23.55 -37.30
CA PHE F 196 18.30 -22.16 -37.70
C PHE F 196 17.99 -21.27 -36.49
N LEU F 197 18.80 -20.23 -36.31
CA LEU F 197 18.63 -19.28 -35.21
C LEU F 197 18.67 -17.87 -35.76
N LEU F 198 18.01 -16.95 -35.06
CA LEU F 198 18.02 -15.54 -35.39
C LEU F 198 19.29 -14.88 -34.83
N GLN F 199 19.55 -13.65 -35.28
CA GLN F 199 20.71 -12.90 -34.82
C GLN F 199 20.64 -12.63 -33.33
N SER F 200 21.78 -12.22 -32.76
CA SER F 200 21.92 -12.08 -31.32
C SER F 200 21.02 -10.99 -30.77
N GLU F 201 20.74 -9.94 -31.55
CA GLU F 201 19.95 -8.82 -31.06
C GLU F 201 18.50 -9.22 -30.79
N HIS F 202 18.01 -10.27 -31.46
CA HIS F 202 16.72 -10.85 -31.15
C HIS F 202 16.82 -11.72 -29.91
N SER F 203 15.94 -11.47 -28.94
CA SER F 203 15.99 -12.19 -27.68
C SER F 203 15.51 -13.63 -27.81
N ILE F 204 14.80 -13.94 -28.90
CA ILE F 204 14.29 -15.30 -29.10
C ILE F 204 15.41 -16.31 -29.32
N THR F 205 16.60 -15.86 -29.69
CA THR F 205 17.74 -16.76 -29.79
C THR F 205 18.23 -17.15 -28.41
N GLY F 206 18.52 -16.16 -27.57
CA GLY F 206 19.04 -16.44 -26.24
C GLY F 206 18.04 -17.12 -25.32
N HIS F 207 16.76 -16.76 -25.44
CA HIS F 207 15.76 -17.39 -24.58
C HIS F 207 15.55 -18.85 -24.94
N ALA F 208 15.51 -19.15 -26.24
CA ALA F 208 15.32 -20.54 -26.68
C ALA F 208 16.57 -21.39 -26.49
N ILE F 209 17.76 -20.79 -26.46
CA ILE F 209 18.97 -21.55 -26.17
C ILE F 209 18.91 -22.11 -24.75
N THR F 210 18.54 -21.26 -23.79
CA THR F 210 18.48 -21.68 -22.39
C THR F 210 17.26 -22.55 -22.13
N ALA F 211 16.10 -22.16 -22.66
CA ALA F 211 14.86 -22.87 -22.34
C ALA F 211 14.84 -24.27 -22.96
N CYS F 212 15.29 -24.40 -24.20
CA CYS F 212 15.31 -25.69 -24.88
C CYS F 212 16.62 -26.44 -24.68
N GLN F 213 17.56 -25.85 -23.93
CA GLN F 213 18.80 -26.49 -23.50
C GLN F 213 19.66 -26.94 -24.69
N LEU F 214 19.98 -25.97 -25.53
CA LEU F 214 20.91 -26.17 -26.64
C LEU F 214 22.27 -25.64 -26.20
N GLY F 215 23.19 -26.56 -25.92
CA GLY F 215 24.53 -26.16 -25.51
C GLY F 215 25.59 -26.32 -26.59
N ASP F 216 25.24 -27.01 -27.68
CA ASP F 216 26.19 -27.32 -28.74
C ASP F 216 26.05 -26.30 -29.86
N SER F 217 27.00 -25.37 -29.93
CA SER F 217 26.97 -24.34 -30.97
C SER F 217 27.26 -24.89 -32.35
N ALA F 218 27.85 -26.08 -32.44
CA ALA F 218 28.07 -26.70 -33.74
C ALA F 218 26.77 -27.07 -34.44
N LYS F 219 25.70 -27.30 -33.68
CA LYS F 219 24.42 -27.66 -34.28
C LYS F 219 23.70 -26.48 -34.92
N VAL F 220 24.17 -25.26 -34.73
CA VAL F 220 23.50 -24.07 -35.24
C VAL F 220 24.00 -23.81 -36.66
N ASN F 221 23.06 -23.68 -37.58
CA ASN F 221 23.39 -23.21 -38.92
C ASN F 221 23.82 -21.75 -38.86
N PRO F 222 24.84 -21.33 -39.63
CA PRO F 222 25.30 -19.94 -39.61
C PRO F 222 24.48 -18.97 -40.46
N PHE F 223 23.15 -19.12 -40.42
CA PHE F 223 22.29 -18.18 -41.13
C PHE F 223 22.30 -16.81 -40.47
N ALA F 224 21.90 -16.75 -39.19
CA ALA F 224 21.73 -15.50 -38.43
C ALA F 224 20.76 -14.55 -39.14
N ALA F 225 19.51 -15.00 -39.18
CA ALA F 225 18.44 -14.22 -39.79
C ALA F 225 17.88 -13.19 -38.82
N THR F 226 16.93 -12.40 -39.32
CA THR F 226 16.16 -11.47 -38.51
C THR F 226 14.66 -11.71 -38.65
N SER F 227 14.24 -12.76 -39.35
CA SER F 227 12.82 -13.00 -39.60
C SER F 227 12.49 -14.47 -39.41
N LEU F 228 11.52 -14.75 -38.53
CA LEU F 228 11.07 -16.12 -38.30
C LEU F 228 10.30 -16.69 -39.49
N HIS F 229 9.75 -15.82 -40.36
CA HIS F 229 9.11 -16.30 -41.57
C HIS F 229 10.11 -16.82 -42.58
N THR F 230 11.30 -16.18 -42.65
CA THR F 230 12.42 -16.74 -43.41
C THR F 230 12.80 -18.11 -42.88
N LEU F 231 12.83 -18.29 -41.56
CA LEU F 231 13.17 -19.58 -40.95
C LEU F 231 12.12 -20.63 -41.28
N VAL F 232 10.85 -20.23 -41.29
CA VAL F 232 9.80 -21.15 -41.68
C VAL F 232 9.99 -21.58 -43.13
N GLN F 233 10.34 -20.63 -44.00
CA GLN F 233 10.61 -20.97 -45.40
C GLN F 233 11.82 -21.89 -45.56
N MET F 234 12.90 -21.62 -44.82
CA MET F 234 14.09 -22.47 -44.91
C MET F 234 13.80 -23.88 -44.45
N VAL F 235 13.07 -24.04 -43.33
CA VAL F 235 12.72 -25.36 -42.84
C VAL F 235 11.74 -26.06 -43.78
N ASN F 236 10.85 -25.31 -44.43
CA ASN F 236 9.92 -25.91 -45.39
C ASN F 236 10.61 -26.37 -46.67
N SER F 237 11.82 -25.88 -46.95
CA SER F 237 12.64 -26.35 -48.05
C SER F 237 13.60 -27.48 -47.65
N LYS F 238 13.33 -28.14 -46.52
CA LYS F 238 14.07 -29.32 -46.04
C LYS F 238 15.54 -29.01 -45.80
N LEU F 239 15.83 -27.80 -45.33
CA LEU F 239 17.20 -27.38 -45.08
C LEU F 239 17.58 -27.38 -43.61
N GLY F 240 16.70 -27.81 -42.71
CA GLY F 240 17.06 -27.88 -41.30
C GLY F 240 15.84 -27.75 -40.41
N THR F 241 16.12 -27.51 -39.13
CA THR F 241 15.13 -27.32 -38.07
C THR F 241 15.27 -25.92 -37.47
N THR F 242 14.23 -25.51 -36.73
CA THR F 242 14.31 -24.27 -35.95
C THR F 242 13.24 -24.27 -34.87
N PHE F 243 13.34 -23.25 -34.01
CA PHE F 243 12.41 -23.01 -32.92
C PHE F 243 11.42 -21.92 -33.31
N LEU F 244 10.18 -22.09 -32.88
CA LEU F 244 9.09 -21.16 -33.13
C LEU F 244 8.34 -20.91 -31.83
N PRO F 245 7.99 -19.66 -31.54
CA PRO F 245 7.09 -19.41 -30.42
C PRO F 245 5.70 -19.95 -30.72
N GLN F 246 4.98 -20.30 -29.66
CA GLN F 246 3.65 -20.89 -29.84
C GLN F 246 2.66 -19.91 -30.44
N MET F 247 2.78 -18.63 -30.11
CA MET F 247 1.87 -17.63 -30.68
C MET F 247 2.06 -17.51 -32.19
N ALA F 248 3.26 -17.81 -32.71
CA ALA F 248 3.45 -17.82 -34.15
C ALA F 248 2.64 -18.93 -34.81
N ILE F 249 2.62 -20.11 -34.21
CA ILE F 249 1.85 -21.23 -34.76
C ILE F 249 0.37 -20.98 -34.58
N ASP F 250 -0.04 -20.33 -33.49
CA ASP F 250 -1.44 -19.96 -33.31
C ASP F 250 -1.87 -18.96 -34.37
N ALA F 251 -1.01 -18.00 -34.70
CA ALA F 251 -1.34 -17.00 -35.71
C ALA F 251 -1.44 -17.61 -37.10
N GLY F 252 -0.84 -18.77 -37.33
CA GLY F 252 -0.90 -19.42 -38.63
C GLY F 252 0.37 -19.31 -39.43
N ILE F 253 1.53 -19.38 -38.77
CA ILE F 253 2.79 -19.29 -39.50
C ILE F 253 3.12 -20.61 -40.20
N LEU F 254 2.55 -21.72 -39.77
CA LEU F 254 2.73 -23.01 -40.40
C LEU F 254 1.67 -23.31 -41.44
N ASN F 255 0.77 -22.37 -41.70
CA ASN F 255 -0.22 -22.58 -42.75
C ASN F 255 0.46 -22.55 -44.10
N ASP F 256 -0.04 -23.39 -45.02
CA ASP F 256 0.47 -23.57 -46.38
C ASP F 256 1.89 -24.13 -46.40
N THR F 257 2.34 -24.73 -45.29
CA THR F 257 3.65 -25.36 -45.21
C THR F 257 3.46 -26.84 -44.91
N ASP F 258 4.56 -27.56 -44.92
CA ASP F 258 4.55 -28.99 -44.62
C ASP F 258 5.35 -29.30 -43.38
N LEU F 259 5.25 -28.44 -42.37
CA LEU F 259 5.99 -28.61 -41.12
C LEU F 259 5.10 -29.24 -40.07
N VAL F 260 5.74 -29.91 -39.11
CA VAL F 260 5.05 -30.46 -37.95
C VAL F 260 5.68 -29.89 -36.69
N VAL F 261 4.92 -29.99 -35.60
CA VAL F 261 5.29 -29.38 -34.32
C VAL F 261 5.83 -30.45 -33.40
N MET F 262 6.98 -30.19 -32.81
CA MET F 262 7.64 -31.15 -31.94
C MET F 262 7.99 -30.47 -30.62
N THR F 263 7.89 -31.23 -29.54
CA THR F 263 8.22 -30.70 -28.23
C THR F 263 9.73 -30.69 -28.06
N PRO F 264 10.34 -29.53 -27.87
CA PRO F 264 11.79 -29.48 -27.69
C PRO F 264 12.18 -30.01 -26.32
N PRO F 265 13.44 -30.37 -26.11
CA PRO F 265 13.86 -30.79 -24.76
C PRO F 265 14.05 -29.61 -23.82
N GLY F 266 14.60 -29.85 -22.64
CA GLY F 266 14.99 -28.75 -21.77
C GLY F 266 14.04 -28.59 -20.59
N GLU F 267 14.52 -27.83 -19.60
CA GLU F 267 13.76 -27.60 -18.36
C GLU F 267 12.72 -26.54 -18.68
N ALA F 268 11.44 -26.96 -18.80
CA ALA F 268 10.33 -26.03 -19.06
C ALA F 268 10.59 -25.17 -20.30
N PRO F 269 10.43 -25.71 -21.51
CA PRO F 269 10.69 -24.92 -22.73
C PRO F 269 9.60 -23.91 -23.07
N TYR F 270 9.62 -22.75 -22.43
CA TYR F 270 8.67 -21.69 -22.72
C TYR F 270 9.38 -20.34 -22.65
N ARG F 271 8.67 -19.30 -23.07
CA ARG F 271 9.15 -17.92 -23.06
C ARG F 271 8.12 -17.05 -22.35
N ASP F 272 8.59 -16.13 -21.51
CA ASP F 272 7.70 -15.19 -20.84
C ASP F 272 7.37 -14.01 -21.74
N ILE F 273 6.19 -13.42 -21.54
CA ILE F 273 5.77 -12.20 -22.20
C ILE F 273 5.37 -11.20 -21.12
N GLY F 274 5.83 -9.96 -21.26
CA GLY F 274 5.65 -8.96 -20.25
C GLY F 274 5.60 -7.53 -20.78
N LEU F 275 5.35 -6.60 -19.87
CA LEU F 275 5.26 -5.18 -20.16
C LEU F 275 6.28 -4.42 -19.33
N VAL F 276 6.90 -3.42 -19.94
CA VAL F 276 7.95 -2.65 -19.27
C VAL F 276 7.61 -1.16 -19.42
N TRP F 277 7.67 -0.43 -18.30
CA TRP F 277 7.40 1.01 -18.28
C TRP F 277 8.34 1.67 -17.27
N ARG F 278 8.42 3.00 -17.33
CA ARG F 278 9.21 3.77 -16.38
C ARG F 278 8.51 3.83 -15.02
N GLN F 279 9.30 3.94 -13.94
CA GLN F 279 8.63 4.09 -12.63
C GLN F 279 7.94 5.44 -12.47
N THR F 280 8.39 6.47 -13.17
CA THR F 280 7.83 7.81 -13.00
C THR F 280 6.53 8.02 -13.78
N THR F 281 5.86 6.95 -14.19
CA THR F 281 4.65 7.08 -15.00
C THR F 281 3.47 7.49 -14.14
N SER F 282 2.50 8.13 -14.81
CA SER F 282 1.22 8.48 -14.19
C SER F 282 0.08 7.65 -14.76
N ARG F 283 0.40 6.57 -15.46
CA ARG F 283 -0.59 5.78 -16.20
C ARG F 283 -0.58 4.33 -15.78
N ILE F 284 -0.48 4.08 -14.47
CA ILE F 284 -0.40 2.72 -13.96
C ILE F 284 -1.71 1.96 -14.18
N LEU F 285 -2.85 2.66 -14.11
CA LEU F 285 -4.14 2.03 -14.37
C LEU F 285 -4.24 1.56 -15.82
N THR F 286 -3.81 2.42 -16.75
CA THR F 286 -3.80 2.07 -18.16
C THR F 286 -2.87 0.89 -18.45
N PHE F 287 -1.68 0.90 -17.84
CA PHE F 287 -0.71 -0.16 -18.11
C PHE F 287 -1.18 -1.49 -17.54
N ARG F 288 -1.80 -1.47 -16.36
CA ARG F 288 -2.38 -2.69 -15.82
C ARG F 288 -3.54 -3.19 -16.68
N THR F 289 -4.36 -2.27 -17.19
CA THR F 289 -5.48 -2.64 -18.06
C THR F 289 -4.97 -3.28 -19.35
N LEU F 290 -3.98 -2.67 -19.99
CA LEU F 290 -3.41 -3.24 -21.21
C LEU F 290 -2.72 -4.56 -20.93
N GLY F 291 -2.12 -4.70 -19.75
CA GLY F 291 -1.55 -5.98 -19.37
C GLY F 291 -2.60 -7.06 -19.27
N LEU F 292 -3.75 -6.75 -18.69
CA LEU F 292 -4.83 -7.73 -18.62
C LEU F 292 -5.38 -8.04 -20.01
N LEU F 293 -5.42 -7.04 -20.90
CA LEU F 293 -5.87 -7.26 -22.27
C LEU F 293 -4.93 -8.22 -23.02
N ILE F 294 -3.62 -8.00 -22.90
CA ILE F 294 -2.64 -8.86 -23.55
C ILE F 294 -2.66 -10.25 -22.92
N GLN F 295 -2.82 -10.33 -21.60
CA GLN F 295 -2.92 -11.61 -20.93
C GLN F 295 -4.14 -12.39 -21.40
N LYS F 296 -5.27 -11.70 -21.55
CA LYS F 296 -6.48 -12.31 -22.10
C LYS F 296 -6.25 -12.83 -23.51
N LEU F 297 -5.55 -12.05 -24.33
CA LEU F 297 -5.25 -12.49 -25.68
C LEU F 297 -4.33 -13.72 -25.70
N LEU F 298 -3.40 -13.81 -24.74
CA LEU F 298 -2.48 -14.93 -24.72
C LEU F 298 -3.13 -16.23 -24.29
N THR F 299 -4.32 -16.18 -23.70
CA THR F 299 -5.03 -17.38 -23.29
C THR F 299 -6.01 -17.88 -24.34
N ASN F 300 -6.01 -17.27 -25.52
CA ASN F 300 -6.98 -17.58 -26.57
C ASN F 300 -6.80 -19.00 -27.10
#